data_9DJ8
#
_entry.id   9DJ8
#
_cell.length_a   1.00
_cell.length_b   1.00
_cell.length_c   1.00
_cell.angle_alpha   90.00
_cell.angle_beta   90.00
_cell.angle_gamma   90.00
#
_symmetry.space_group_name_H-M   'P 1'
#
loop_
_entity.id
_entity.type
_entity.pdbx_description
1 polymer 'RNA-directed RNA polymerase'
2 polymer 'Non-structural protein 9'
3 non-polymer 'ZINC ION'
4 non-polymer 'ADENOSINE MONOPHOSPHATE'
#
loop_
_entity_poly.entity_id
_entity_poly.type
_entity_poly.pdbx_seq_one_letter_code
_entity_poly.pdbx_strand_id
1 'polypeptide(L)'
;SADAQSFLNRVCGVSAARLTPCGTGTSTDVVYRAFDIYNDKVAGFAKFLKTNCCRFQEKDEDDNLIDSYFVVKRHTFSNY
QHEETIYNLLKDCPAVAKHDFFKFRIDGDMVPHISRQRLTKYTMADLVYALRHFDEGNCDTLKEILVTYNCCDDDYFNKK
DWYDFVENPDILRVYANLGERVRQALLKTVQFCDAMRNAGIVGVLTLDNQDLNGNWYDFGDFIQTTPGSGVPVVDSYYSL
LMPILTLTRALTAESHVDTDLTKPYIKWDLLKYDFTEERLKLFDRYFKYWDQTYHPNCVNCLDDRCILHCANFNVLFSTV
FPPTSFGPLVRKIFVDGVPFVVSTGYHFRELGVVHNQDVNLHSSRLSFKELLVYAADPAMHAASGNLLLDKRTTCFSVAA
LTNNVAFQTVKPGNFNKDFYDFAVSKGFFKEGSSVELKHFFFAQDGNAAISDYDYYRYNLPTMCDIRQLLFVVEVVDKYF
DCYDGGCINANQVIVNNLDKSAGFPFNKWGKARLYYDSMSYEDQDALFAYTKRNVIPTITQMNLKYAISAKNRARTVAGV
SICSTMTNRQFHQKLLKSIAATRGATVVIGTSKFYGGWHNMLKTVYSDVENPHLMGWDYPKCDRAMPNMLRIMASLVLAR
KHTTCCSLSHRFYRLANECAQVLSEMVMCGGSLYVKPGGTSSGDATTAYANSVFNICQAVTANVNALLSTDGNKIADKYV
RNLQHRLYECLYRNRDVDTDFVNEFYAYLRKHFSMMILSDDAVVCFNSTYASQGLVASIKNFKSVLYYQNNVFMSEAKCW
TETDLTKGPHEFCSQHTMLVKQGDDYVYLPYPDPSRILGAGCFVDDIVKTDGTLMIERFVSLAIDAYPLTKHPNQEYADV
FHLYLQYIRKLHDELTGHMLDMYSVMLTNDNTSRYWEPEFYEAMYTPHTVLQ
;
A
2 'polypeptide(L)'
;NNELSPVALRQMSCAAGTTQTACTDDNALAYYNTTKGGRFVLALLSDLQDLKWARFPKSDGTGTIYTELEPPCRFVTDTP
KGPKVKYLYFIKGLNNLNRGMVLGSLAATVRLQ
;
G
#
loop_
_chem_comp.id
_chem_comp.type
_chem_comp.name
_chem_comp.formula
AMP non-polymer 'ADENOSINE MONOPHOSPHATE' 'C10 H14 N5 O7 P'
ZN non-polymer 'ZINC ION' 'Zn 2'
#
# COMPACT_ATOMS: atom_id res chain seq x y z
N SER A 1 42.43 -21.88 -32.18
CA SER A 1 42.13 -22.82 -33.31
C SER A 1 41.79 -22.04 -34.57
N ALA A 2 42.02 -22.67 -35.73
CA ALA A 2 41.75 -22.02 -37.01
C ALA A 2 40.27 -21.71 -37.17
N ASP A 3 39.40 -22.63 -36.74
CA ASP A 3 37.97 -22.39 -36.79
C ASP A 3 37.59 -21.24 -35.87
N ALA A 4 38.03 -21.29 -34.62
CA ALA A 4 37.66 -20.27 -33.66
C ALA A 4 38.16 -18.89 -34.07
N GLN A 5 39.41 -18.80 -34.53
CA GLN A 5 39.98 -17.52 -34.93
C GLN A 5 39.39 -16.97 -36.22
N SER A 6 39.04 -17.83 -37.18
CA SER A 6 38.33 -17.38 -38.37
C SER A 6 36.92 -16.93 -38.05
N PHE A 7 36.24 -17.64 -37.15
CA PHE A 7 34.93 -17.20 -36.70
C PHE A 7 35.01 -15.84 -36.03
N LEU A 8 36.05 -15.62 -35.21
CA LEU A 8 36.18 -14.34 -34.54
C LEU A 8 36.33 -13.19 -35.53
N ASN A 9 37.23 -13.32 -36.49
CA ASN A 9 37.47 -12.24 -37.42
C ASN A 9 36.40 -12.14 -38.50
N ARG A 10 35.56 -13.15 -38.69
CA ARG A 10 34.37 -12.96 -39.51
C ARG A 10 33.28 -12.25 -38.74
N VAL A 11 33.13 -12.56 -37.45
CA VAL A 11 32.21 -11.80 -36.61
C VAL A 11 32.61 -10.33 -36.60
N CYS A 12 33.91 -10.06 -36.56
CA CYS A 12 34.40 -8.70 -36.77
C CYS A 12 34.11 -8.31 -38.21
N GLY A 13 33.09 -7.47 -38.42
CA GLY A 13 32.64 -7.17 -39.76
C GLY A 13 33.51 -6.16 -40.48
N VAL A 14 32.89 -5.30 -41.29
CA VAL A 14 33.60 -4.19 -41.91
C VAL A 14 33.93 -3.10 -40.91
N SER A 15 33.36 -3.15 -39.72
CA SER A 15 33.71 -2.21 -38.67
C SER A 15 35.14 -2.48 -38.20
N ALA A 16 35.58 -1.69 -37.22
CA ALA A 16 36.90 -1.85 -36.61
C ALA A 16 36.67 -2.09 -35.12
N ALA A 17 36.49 -3.36 -34.75
CA ALA A 17 36.22 -3.75 -33.38
C ALA A 17 37.23 -4.77 -32.93
N ARG A 18 37.84 -4.55 -31.77
CA ARG A 18 38.83 -5.46 -31.20
C ARG A 18 38.11 -6.37 -30.21
N LEU A 19 37.77 -7.57 -30.65
CA LEU A 19 36.90 -8.47 -29.91
C LEU A 19 37.71 -9.49 -29.11
N THR A 20 37.06 -10.07 -28.10
CA THR A 20 37.67 -11.08 -27.23
C THR A 20 36.58 -12.05 -26.79
N PRO A 21 36.74 -13.34 -27.00
CA PRO A 21 35.65 -14.28 -26.70
C PRO A 21 35.27 -14.27 -25.23
N CYS A 22 34.02 -14.65 -24.96
CA CYS A 22 33.50 -14.78 -23.60
C CYS A 22 33.55 -16.23 -23.14
N GLY A 23 34.78 -16.75 -23.03
CA GLY A 23 35.00 -18.08 -22.51
C GLY A 23 34.39 -19.19 -23.34
N THR A 24 34.55 -19.11 -24.66
CA THR A 24 33.99 -20.11 -25.56
C THR A 24 34.87 -20.21 -26.79
N GLY A 25 34.69 -21.30 -27.52
CA GLY A 25 35.37 -21.47 -28.80
C GLY A 25 34.46 -21.08 -29.94
N THR A 26 33.93 -22.06 -30.66
CA THR A 26 32.87 -21.84 -31.64
C THR A 26 31.50 -22.20 -31.10
N SER A 27 31.39 -22.55 -29.83
CA SER A 27 30.15 -23.03 -29.24
C SER A 27 29.37 -21.89 -28.59
N THR A 28 28.13 -22.19 -28.21
CA THR A 28 27.24 -21.19 -27.66
C THR A 28 27.64 -20.82 -26.23
N ASP A 29 26.87 -19.92 -25.64
CA ASP A 29 27.09 -19.44 -24.28
C ASP A 29 25.76 -19.41 -23.55
N VAL A 30 25.73 -20.00 -22.36
CA VAL A 30 24.49 -20.24 -21.61
C VAL A 30 24.41 -19.24 -20.47
N VAL A 31 23.25 -18.58 -20.34
CA VAL A 31 23.03 -17.59 -19.29
C VAL A 31 21.65 -17.80 -18.68
N TYR A 32 21.30 -16.94 -17.73
CA TYR A 32 20.07 -17.05 -16.94
C TYR A 32 19.42 -15.67 -16.89
N ARG A 33 18.32 -15.49 -17.62
CA ARG A 33 17.81 -14.16 -17.90
C ARG A 33 16.29 -14.12 -17.75
N ALA A 34 15.76 -12.92 -17.58
CA ALA A 34 14.33 -12.69 -17.42
C ALA A 34 13.64 -12.50 -18.77
N PHE A 35 12.54 -13.21 -18.97
CA PHE A 35 11.78 -13.16 -20.20
C PHE A 35 10.31 -12.98 -19.91
N ASP A 36 9.61 -12.43 -20.90
CA ASP A 36 8.17 -12.28 -20.92
C ASP A 36 7.63 -13.16 -22.04
N ILE A 37 7.00 -14.28 -21.68
CA ILE A 37 6.69 -15.35 -22.62
C ILE A 37 5.17 -15.50 -22.72
N TYR A 38 4.70 -15.77 -23.94
CA TYR A 38 3.30 -16.16 -24.16
C TYR A 38 3.24 -16.95 -25.48
N ASN A 39 3.10 -18.27 -25.41
CA ASN A 39 3.20 -19.09 -26.62
C ASN A 39 2.29 -20.31 -26.60
N ASP A 40 1.05 -20.16 -26.13
CA ASP A 40 0.02 -21.18 -26.33
C ASP A 40 0.19 -22.44 -25.49
N LYS A 41 1.29 -22.55 -24.75
CA LYS A 41 1.42 -23.57 -23.71
C LYS A 41 2.08 -23.05 -22.44
N VAL A 42 2.85 -21.97 -22.49
CA VAL A 42 3.44 -21.37 -21.32
C VAL A 42 3.22 -19.86 -21.40
N ALA A 43 2.99 -19.24 -20.25
CA ALA A 43 2.89 -17.79 -20.17
C ALA A 43 3.55 -17.33 -18.89
N GLY A 44 4.03 -16.10 -18.89
CA GLY A 44 4.46 -15.49 -17.65
C GLY A 44 5.63 -14.56 -17.86
N PHE A 45 6.24 -14.18 -16.74
CA PHE A 45 7.36 -13.23 -16.68
C PHE A 45 8.33 -13.78 -15.64
N ALA A 46 9.37 -14.46 -16.09
CA ALA A 46 10.17 -15.29 -15.20
C ALA A 46 11.58 -15.45 -15.76
N LYS A 47 12.46 -16.01 -14.95
CA LYS A 47 13.86 -16.22 -15.33
C LYS A 47 14.02 -17.62 -15.92
N PHE A 48 14.43 -17.67 -17.18
CA PHE A 48 14.71 -18.92 -17.87
C PHE A 48 16.19 -19.01 -18.18
N LEU A 49 16.58 -20.07 -18.87
CA LEU A 49 17.98 -20.35 -19.22
C LEU A 49 18.11 -20.13 -20.73
N LYS A 50 18.99 -19.21 -21.11
CA LYS A 50 19.18 -18.88 -22.51
C LYS A 50 20.39 -19.64 -23.06
N THR A 51 20.22 -20.27 -24.22
CA THR A 51 21.09 -21.36 -24.62
C THR A 51 21.85 -21.14 -25.92
N ASN A 52 21.22 -20.57 -26.95
CA ASN A 52 21.80 -20.54 -28.29
C ASN A 52 22.33 -19.14 -28.61
N CYS A 53 23.54 -18.84 -28.11
CA CYS A 53 24.17 -17.57 -28.42
C CYS A 53 25.66 -17.65 -28.17
N CYS A 54 26.42 -16.92 -28.98
CA CYS A 54 27.86 -16.71 -28.80
C CYS A 54 28.09 -15.23 -28.58
N ARG A 55 28.81 -14.89 -27.51
CA ARG A 55 29.01 -13.51 -27.11
C ARG A 55 30.48 -13.14 -27.16
N PHE A 56 30.79 -11.99 -27.76
CA PHE A 56 32.13 -11.44 -27.80
C PHE A 56 32.10 -10.05 -27.20
N GLN A 57 32.98 -9.77 -26.26
CA GLN A 57 33.10 -8.43 -25.72
C GLN A 57 34.13 -7.62 -26.50
N GLU A 58 33.94 -6.31 -26.51
CA GLU A 58 34.73 -5.40 -27.32
C GLU A 58 35.71 -4.63 -26.44
N LYS A 59 36.88 -4.32 -27.00
CA LYS A 59 37.95 -3.62 -26.33
C LYS A 59 38.06 -2.20 -26.88
N ASP A 60 38.89 -1.39 -26.25
CA ASP A 60 39.13 -0.02 -26.70
C ASP A 60 40.64 0.16 -26.82
N GLU A 61 41.07 1.41 -27.04
CA GLU A 61 42.47 1.66 -27.39
C GLU A 61 43.42 1.09 -26.34
N ASP A 62 43.12 1.33 -25.06
CA ASP A 62 44.01 0.97 -23.97
C ASP A 62 43.83 -0.47 -23.51
N ASP A 63 43.26 -1.33 -24.35
CA ASP A 63 43.08 -2.74 -24.02
C ASP A 63 42.37 -2.91 -22.67
N ASN A 64 41.21 -2.28 -22.54
CA ASN A 64 40.33 -2.46 -21.39
C ASN A 64 38.95 -2.86 -21.88
N LEU A 65 38.25 -3.63 -21.06
CA LEU A 65 36.93 -4.11 -21.45
C LEU A 65 35.90 -3.00 -21.34
N ILE A 66 35.04 -2.92 -22.35
CA ILE A 66 34.02 -1.88 -22.45
C ILE A 66 32.66 -2.58 -22.48
N ASP A 67 31.59 -1.79 -22.29
CA ASP A 67 30.24 -2.32 -22.19
C ASP A 67 29.60 -2.39 -23.59
N SER A 68 30.20 -3.21 -24.44
CA SER A 68 29.70 -3.45 -25.79
C SER A 68 29.89 -4.93 -26.09
N TYR A 69 28.90 -5.54 -26.72
CA TYR A 69 28.90 -6.97 -26.99
C TYR A 69 28.36 -7.25 -28.38
N PHE A 70 28.98 -8.20 -29.05
CA PHE A 70 28.48 -8.76 -30.31
C PHE A 70 27.87 -10.11 -29.96
N VAL A 71 26.58 -10.26 -30.21
CA VAL A 71 25.81 -11.43 -29.85
C VAL A 71 25.34 -12.09 -31.14
N VAL A 72 25.95 -13.24 -31.44
CA VAL A 72 25.69 -14.02 -32.67
C VAL A 72 24.78 -15.17 -32.26
N LYS A 73 24.12 -15.85 -33.19
CA LYS A 73 23.15 -16.92 -32.89
C LYS A 73 22.97 -17.79 -34.12
N ARG A 74 22.83 -19.11 -33.94
CA ARG A 74 22.59 -20.05 -35.06
C ARG A 74 21.12 -20.48 -35.02
N HIS A 75 20.39 -20.52 -36.15
CA HIS A 75 19.05 -21.06 -36.18
C HIS A 75 18.75 -21.58 -37.59
N THR A 76 17.50 -21.98 -37.82
CA THR A 76 17.09 -22.59 -39.06
C THR A 76 16.95 -21.62 -40.23
N PHE A 77 17.15 -22.14 -41.44
CA PHE A 77 17.20 -21.32 -42.65
C PHE A 77 15.95 -20.51 -42.94
N SER A 78 14.78 -20.96 -42.49
CA SER A 78 13.55 -20.22 -42.74
C SER A 78 13.45 -18.99 -41.85
N ASN A 79 13.91 -19.10 -40.60
CA ASN A 79 13.93 -17.95 -39.70
C ASN A 79 14.93 -16.90 -40.18
N TYR A 80 16.08 -17.34 -40.70
CA TYR A 80 17.08 -16.45 -41.27
C TYR A 80 16.45 -15.56 -42.35
N GLN A 81 15.75 -16.17 -43.31
CA GLN A 81 15.18 -15.42 -44.42
C GLN A 81 14.09 -14.46 -43.94
N HIS A 82 13.22 -14.90 -43.03
CA HIS A 82 12.15 -14.04 -42.55
C HIS A 82 12.71 -12.82 -41.83
N GLU A 83 13.67 -13.05 -40.93
CA GLU A 83 14.23 -11.92 -40.19
C GLU A 83 14.99 -10.98 -41.11
N GLU A 84 15.63 -11.50 -42.16
CA GLU A 84 16.32 -10.61 -43.09
C GLU A 84 15.32 -9.81 -43.90
N THR A 85 14.18 -10.40 -44.25
CA THR A 85 13.14 -9.65 -44.95
C THR A 85 12.60 -8.52 -44.09
N ILE A 86 12.33 -8.79 -42.80
CA ILE A 86 11.75 -7.76 -41.95
C ILE A 86 12.75 -6.65 -41.67
N TYR A 87 14.03 -7.00 -41.49
CA TYR A 87 15.03 -6.01 -41.12
C TYR A 87 15.21 -4.96 -42.21
N ASN A 88 15.25 -5.38 -43.47
CA ASN A 88 15.54 -4.43 -44.55
C ASN A 88 14.47 -3.36 -44.66
N LEU A 89 13.25 -3.63 -44.18
CA LEU A 89 12.23 -2.60 -44.13
C LEU A 89 12.41 -1.67 -42.94
N LEU A 90 13.11 -2.11 -41.89
CA LEU A 90 13.26 -1.36 -40.67
C LEU A 90 14.67 -0.81 -40.45
N LYS A 91 15.62 -1.15 -41.32
CA LYS A 91 17.02 -0.87 -41.06
C LYS A 91 17.34 0.62 -40.95
N ASP A 92 16.47 1.49 -41.44
CA ASP A 92 16.75 2.91 -41.47
C ASP A 92 16.28 3.67 -40.23
N CYS A 93 15.58 3.03 -39.31
CA CYS A 93 15.20 3.70 -38.08
C CYS A 93 16.40 3.80 -37.14
N PRO A 94 16.61 4.94 -36.49
CA PRO A 94 17.73 5.07 -35.56
C PRO A 94 17.57 4.30 -34.24
N ALA A 95 16.43 3.67 -34.00
CA ALA A 95 16.18 2.94 -32.77
C ALA A 95 16.37 1.43 -32.95
N VAL A 96 16.82 1.00 -34.11
CA VAL A 96 17.03 -0.40 -34.43
C VAL A 96 18.52 -0.68 -34.36
N ALA A 97 18.89 -1.79 -33.73
CA ALA A 97 20.29 -2.20 -33.66
C ALA A 97 20.78 -2.63 -35.04
N LYS A 98 22.10 -2.72 -35.19
CA LYS A 98 22.70 -3.08 -36.46
C LYS A 98 22.83 -4.60 -36.56
N HIS A 99 22.31 -5.17 -37.64
CA HIS A 99 22.31 -6.61 -37.87
C HIS A 99 23.25 -6.99 -39.00
N ASP A 100 23.78 -8.21 -38.91
CA ASP A 100 24.73 -8.70 -39.90
C ASP A 100 24.44 -10.17 -40.15
N PHE A 101 24.09 -10.52 -41.38
CA PHE A 101 23.66 -11.87 -41.73
C PHE A 101 24.76 -12.53 -42.55
N PHE A 102 25.24 -13.70 -42.09
CA PHE A 102 26.27 -14.39 -42.85
C PHE A 102 26.13 -15.89 -42.66
N LYS A 103 26.92 -16.64 -43.43
CA LYS A 103 26.90 -18.10 -43.42
C LYS A 103 28.31 -18.61 -43.14
N PHE A 104 28.43 -19.56 -42.22
CA PHE A 104 29.73 -20.10 -41.85
C PHE A 104 29.60 -21.61 -41.71
N ARG A 105 30.67 -22.33 -42.05
CA ARG A 105 30.64 -23.78 -41.98
C ARG A 105 31.34 -24.26 -40.72
N ILE A 106 30.58 -24.89 -39.83
CA ILE A 106 31.13 -25.53 -38.65
C ILE A 106 31.53 -26.97 -38.94
N ASP A 107 31.01 -27.57 -40.00
CA ASP A 107 31.33 -28.92 -40.43
C ASP A 107 31.25 -28.93 -41.96
N GLY A 108 31.10 -30.11 -42.55
CA GLY A 108 30.89 -30.17 -43.98
C GLY A 108 29.72 -29.34 -44.47
N ASP A 109 28.78 -29.04 -43.58
CA ASP A 109 27.61 -28.23 -43.92
C ASP A 109 27.83 -26.77 -43.51
N MET A 110 27.04 -25.89 -44.11
CA MET A 110 27.08 -24.46 -43.84
C MET A 110 25.83 -24.07 -43.07
N VAL A 111 26.00 -23.28 -42.01
CA VAL A 111 24.86 -22.87 -41.19
C VAL A 111 24.80 -21.35 -41.18
N PRO A 112 23.60 -20.77 -41.08
CA PRO A 112 23.47 -19.31 -41.07
C PRO A 112 23.53 -18.71 -39.67
N HIS A 113 24.10 -17.51 -39.59
CA HIS A 113 24.28 -16.77 -38.36
C HIS A 113 23.79 -15.33 -38.53
N ILE A 114 23.23 -14.81 -37.44
CA ILE A 114 22.76 -13.44 -37.34
C ILE A 114 23.52 -12.81 -36.18
N SER A 115 24.27 -11.75 -36.47
CA SER A 115 25.06 -11.03 -35.48
C SER A 115 24.43 -9.68 -35.19
N ARG A 116 24.27 -9.36 -33.92
CA ARG A 116 23.85 -8.04 -33.48
C ARG A 116 25.03 -7.35 -32.80
N GLN A 117 25.28 -6.11 -33.18
CA GLN A 117 26.51 -5.42 -32.84
C GLN A 117 26.26 -4.35 -31.79
N ARG A 118 27.11 -4.34 -30.76
CA ARG A 118 27.15 -3.26 -29.77
C ARG A 118 25.89 -3.22 -28.91
N LEU A 119 25.56 -4.34 -28.28
CA LEU A 119 24.52 -4.34 -27.26
C LEU A 119 25.15 -4.14 -25.88
N THR A 120 24.30 -3.97 -24.88
CA THR A 120 24.74 -3.96 -23.49
C THR A 120 24.65 -5.37 -22.92
N LYS A 121 25.07 -5.53 -21.67
CA LYS A 121 25.05 -6.85 -21.06
C LYS A 121 23.65 -7.27 -20.62
N TYR A 122 22.85 -6.33 -20.13
CA TYR A 122 21.50 -6.61 -19.66
C TYR A 122 20.49 -5.86 -20.53
N THR A 123 19.22 -6.23 -20.37
CA THR A 123 18.12 -5.64 -21.11
C THR A 123 17.20 -4.88 -20.16
N MET A 124 16.10 -4.37 -20.73
CA MET A 124 15.10 -3.67 -19.93
C MET A 124 14.28 -4.63 -19.07
N ALA A 125 14.24 -5.91 -19.44
CA ALA A 125 13.51 -6.89 -18.62
C ALA A 125 14.28 -7.26 -17.36
N ASP A 126 15.61 -7.29 -17.45
CA ASP A 126 16.43 -7.65 -16.30
C ASP A 126 16.30 -6.61 -15.18
N LEU A 127 16.29 -5.33 -15.53
CA LEU A 127 16.12 -4.27 -14.55
C LEU A 127 14.74 -4.30 -13.89
N VAL A 128 13.68 -4.46 -14.68
CA VAL A 128 12.33 -4.48 -14.14
C VAL A 128 12.15 -5.68 -13.22
N TYR A 129 12.61 -6.86 -13.65
CA TYR A 129 12.52 -8.05 -12.81
C TYR A 129 13.32 -7.88 -11.53
N ALA A 130 14.51 -7.29 -11.62
CA ALA A 130 15.31 -7.07 -10.42
C ALA A 130 14.59 -6.19 -9.41
N LEU A 131 13.97 -5.10 -9.89
CA LEU A 131 13.32 -4.19 -8.96
C LEU A 131 11.95 -4.66 -8.48
N ARG A 132 11.30 -5.59 -9.18
CA ARG A 132 9.98 -6.09 -8.75
C ARG A 132 10.03 -7.41 -8.00
N HIS A 133 11.21 -8.02 -7.85
CA HIS A 133 11.39 -9.24 -7.09
C HIS A 133 12.59 -9.12 -6.16
N PHE A 134 12.65 -8.02 -5.41
CA PHE A 134 13.85 -7.72 -4.63
C PHE A 134 14.04 -8.70 -3.49
N ASP A 135 15.30 -9.05 -3.26
CA ASP A 135 15.71 -9.94 -2.18
C ASP A 135 17.14 -9.58 -1.83
N GLU A 136 17.37 -9.04 -0.64
CA GLU A 136 18.71 -8.58 -0.31
C GLU A 136 19.68 -9.73 -0.10
N GLY A 137 19.18 -10.96 0.00
CA GLY A 137 20.06 -12.11 0.10
C GLY A 137 20.83 -12.38 -1.18
N ASN A 138 20.19 -12.19 -2.34
CA ASN A 138 20.91 -12.31 -3.61
C ASN A 138 20.38 -11.25 -4.56
N CYS A 139 21.17 -10.19 -4.75
CA CYS A 139 20.87 -9.06 -5.62
C CYS A 139 22.08 -8.70 -6.46
N ASP A 140 22.66 -9.70 -7.15
CA ASP A 140 23.87 -9.46 -7.92
C ASP A 140 23.61 -8.57 -9.13
N THR A 141 22.51 -8.82 -9.85
CA THR A 141 22.24 -8.10 -11.07
C THR A 141 21.98 -6.62 -10.81
N LEU A 142 21.23 -6.30 -9.76
CA LEU A 142 20.96 -4.90 -9.45
C LEU A 142 22.23 -4.17 -9.08
N LYS A 143 23.09 -4.79 -8.28
CA LYS A 143 24.35 -4.16 -7.90
C LYS A 143 25.25 -3.92 -9.11
N GLU A 144 25.34 -4.91 -10.00
CA GLU A 144 26.13 -4.73 -11.22
C GLU A 144 25.58 -3.61 -12.08
N ILE A 145 24.26 -3.54 -12.22
CA ILE A 145 23.65 -2.48 -13.02
C ILE A 145 23.92 -1.12 -12.39
N LEU A 146 23.84 -1.02 -11.07
CA LEU A 146 24.05 0.27 -10.43
C LEU A 146 25.49 0.75 -10.58
N VAL A 147 26.46 -0.17 -10.50
CA VAL A 147 27.85 0.29 -10.62
C VAL A 147 28.28 0.52 -12.06
N THR A 148 27.73 -0.22 -13.03
CA THR A 148 28.16 -0.05 -14.42
C THR A 148 27.68 1.25 -15.05
N TYR A 149 26.78 1.99 -14.41
CA TYR A 149 26.28 3.25 -14.96
C TYR A 149 26.52 4.43 -14.02
N ASN A 150 27.40 4.25 -13.03
CA ASN A 150 27.91 5.36 -12.23
C ASN A 150 26.83 5.94 -11.32
N CYS A 151 25.90 5.10 -10.89
CA CYS A 151 24.93 5.52 -9.88
C CYS A 151 25.56 5.53 -8.49
N CYS A 152 26.45 4.59 -8.21
CA CYS A 152 27.18 4.55 -6.95
C CYS A 152 28.49 3.81 -7.18
N ASP A 153 29.32 3.73 -6.16
CA ASP A 153 30.57 3.00 -6.18
C ASP A 153 30.36 1.62 -5.56
N ASP A 154 31.34 0.74 -5.77
CA ASP A 154 31.17 -0.65 -5.36
C ASP A 154 31.27 -0.82 -3.85
N ASP A 155 31.90 0.10 -3.14
CA ASP A 155 31.97 0.05 -1.70
C ASP A 155 30.73 0.64 -1.03
N TYR A 156 29.77 1.14 -1.81
CA TYR A 156 28.53 1.65 -1.24
C TYR A 156 27.74 0.55 -0.55
N PHE A 157 27.91 -0.69 -0.99
CA PHE A 157 27.14 -1.81 -0.47
C PHE A 157 27.72 -2.38 0.81
N ASN A 158 28.91 -1.95 1.22
CA ASN A 158 29.47 -2.38 2.49
C ASN A 158 28.71 -1.82 3.68
N LYS A 159 28.02 -0.70 3.50
CA LYS A 159 27.07 -0.23 4.48
C LYS A 159 25.92 -1.22 4.63
N LYS A 160 25.44 -1.39 5.84
CA LYS A 160 24.34 -2.30 6.10
C LYS A 160 23.04 -1.51 6.18
N ASP A 161 22.00 -2.07 5.56
CA ASP A 161 20.73 -1.38 5.30
C ASP A 161 20.84 -0.40 4.15
N TRP A 162 21.77 -0.63 3.23
CA TRP A 162 21.95 0.30 2.11
C TRP A 162 20.71 0.35 1.22
N TYR A 163 19.82 -0.63 1.32
CA TYR A 163 18.64 -0.74 0.49
C TYR A 163 17.37 -0.27 1.19
N ASP A 164 17.39 -0.17 2.51
CA ASP A 164 16.20 0.18 3.27
C ASP A 164 15.77 1.60 2.93
N PHE A 165 14.46 1.77 2.74
CA PHE A 165 13.89 3.08 2.46
C PHE A 165 13.78 3.96 3.69
N VAL A 166 13.51 3.37 4.86
CA VAL A 166 13.34 4.15 6.07
C VAL A 166 14.68 4.44 6.74
N GLU A 167 15.49 3.41 6.96
CA GLU A 167 16.90 3.61 7.25
C GLU A 167 17.65 3.84 5.94
N ASN A 168 18.52 4.83 5.92
CA ASN A 168 19.21 5.19 4.68
C ASN A 168 18.23 5.68 3.63
N PRO A 169 17.59 6.83 3.82
CA PRO A 169 16.79 7.43 2.75
C PRO A 169 17.58 7.90 1.54
N ASP A 170 18.91 7.77 1.56
CA ASP A 170 19.78 8.19 0.47
C ASP A 170 19.68 7.29 -0.76
N ILE A 171 19.22 6.05 -0.60
CA ILE A 171 19.13 5.14 -1.73
C ILE A 171 18.24 5.72 -2.83
N LEU A 172 17.22 6.50 -2.46
CA LEU A 172 16.40 7.17 -3.46
C LEU A 172 17.26 7.96 -4.43
N ARG A 173 18.20 8.75 -3.91
CA ARG A 173 19.10 9.49 -4.79
C ARG A 173 19.81 8.57 -5.76
N VAL A 174 20.31 7.44 -5.27
CA VAL A 174 20.98 6.49 -6.17
C VAL A 174 20.03 6.06 -7.27
N TYR A 175 18.80 5.68 -6.91
CA TYR A 175 17.86 5.23 -7.93
C TYR A 175 17.45 6.34 -8.87
N ALA A 176 17.62 7.60 -8.48
CA ALA A 176 17.28 8.69 -9.39
C ALA A 176 18.36 8.93 -10.42
N ASN A 177 19.49 8.22 -10.36
CA ASN A 177 20.54 8.34 -11.36
C ASN A 177 20.29 7.46 -12.58
N LEU A 178 19.16 6.74 -12.62
CA LEU A 178 18.79 5.95 -13.78
C LEU A 178 17.66 6.56 -14.60
N GLY A 179 17.08 7.68 -14.16
CA GLY A 179 15.89 8.20 -14.82
C GLY A 179 16.11 8.56 -16.28
N GLU A 180 17.26 9.14 -16.58
CA GLU A 180 17.48 9.64 -17.94
C GLU A 180 17.60 8.50 -18.95
N ARG A 181 18.19 7.37 -18.56
CA ARG A 181 18.21 6.21 -19.45
C ARG A 181 16.80 5.73 -19.77
N VAL A 182 15.93 5.68 -18.76
CA VAL A 182 14.56 5.22 -18.97
C VAL A 182 13.81 6.18 -19.88
N ARG A 183 14.02 7.48 -19.70
CA ARG A 183 13.38 8.47 -20.57
C ARG A 183 13.84 8.31 -22.03
N GLN A 184 15.14 8.12 -22.24
CA GLN A 184 15.65 7.92 -23.59
C GLN A 184 15.08 6.66 -24.22
N ALA A 185 14.97 5.58 -23.45
CA ALA A 185 14.36 4.35 -23.93
C ALA A 185 12.91 4.57 -24.36
N LEU A 186 12.15 5.35 -23.59
CA LEU A 186 10.77 5.65 -23.96
C LEU A 186 10.69 6.37 -25.31
N LEU A 187 11.54 7.39 -25.49
CA LEU A 187 11.49 8.14 -26.75
C LEU A 187 11.83 7.25 -27.94
N LYS A 188 12.81 6.36 -27.76
CA LYS A 188 13.16 5.44 -28.82
C LYS A 188 12.03 4.45 -29.12
N THR A 189 11.29 4.02 -28.11
CA THR A 189 10.16 3.13 -28.34
C THR A 189 9.08 3.82 -29.19
N VAL A 190 8.83 5.12 -28.94
CA VAL A 190 7.87 5.83 -29.78
C VAL A 190 8.35 5.90 -31.23
N GLN A 191 9.65 6.18 -31.43
CA GLN A 191 10.17 6.19 -32.80
C GLN A 191 9.97 4.83 -33.47
N PHE A 192 10.25 3.75 -32.75
CA PHE A 192 10.13 2.41 -33.32
C PHE A 192 8.68 2.07 -33.68
N CYS A 193 7.74 2.48 -32.83
CA CYS A 193 6.32 2.29 -33.16
C CYS A 193 5.93 3.04 -34.44
N ASP A 194 6.40 4.28 -34.59
CA ASP A 194 6.11 5.03 -35.81
C ASP A 194 6.66 4.32 -37.04
N ALA A 195 7.91 3.83 -36.95
CA ALA A 195 8.50 3.13 -38.09
C ALA A 195 7.74 1.86 -38.43
N MET A 196 7.34 1.09 -37.42
CA MET A 196 6.56 -0.12 -37.68
C MET A 196 5.23 0.21 -38.34
N ARG A 197 4.56 1.27 -37.90
CA ARG A 197 3.32 1.66 -38.55
C ARG A 197 3.54 2.00 -40.02
N ASN A 198 4.60 2.75 -40.32
CA ASN A 198 4.79 3.16 -41.71
C ASN A 198 5.20 2.01 -42.61
N ALA A 199 6.00 1.06 -42.11
CA ALA A 199 6.47 -0.05 -42.96
C ALA A 199 5.41 -1.11 -43.22
N GLY A 200 4.39 -1.22 -42.37
CA GLY A 200 3.36 -2.22 -42.53
C GLY A 200 3.68 -3.53 -41.82
N ILE A 201 4.03 -3.46 -40.55
CA ILE A 201 4.53 -4.60 -39.80
C ILE A 201 3.75 -4.72 -38.49
N VAL A 202 3.34 -5.95 -38.17
CA VAL A 202 2.49 -6.23 -37.01
C VAL A 202 3.25 -7.10 -36.02
N GLY A 203 3.31 -6.74 -34.75
CA GLY A 203 3.93 -7.56 -33.68
C GLY A 203 3.78 -7.01 -32.27
N VAL A 204 3.97 -7.82 -31.26
CA VAL A 204 3.93 -7.46 -29.81
C VAL A 204 5.33 -7.00 -29.34
N LEU A 205 5.46 -5.89 -28.61
CA LEU A 205 6.75 -5.37 -28.07
C LEU A 205 6.99 -5.82 -26.64
N THR A 206 8.08 -6.53 -26.38
CA THR A 206 8.41 -7.02 -25.05
C THR A 206 9.70 -6.38 -24.55
N LEU A 207 9.84 -6.35 -23.23
CA LEU A 207 10.95 -5.66 -22.57
C LEU A 207 12.30 -6.33 -22.80
N ASP A 208 12.34 -7.63 -23.03
CA ASP A 208 13.59 -8.35 -23.23
C ASP A 208 14.13 -8.22 -24.64
N ASN A 209 13.44 -7.52 -25.53
CA ASN A 209 13.92 -7.23 -26.87
C ASN A 209 14.47 -5.81 -27.00
N GLN A 210 14.61 -5.09 -25.90
CA GLN A 210 15.22 -3.77 -25.88
C GLN A 210 16.36 -3.79 -24.88
N ASP A 211 17.52 -3.25 -25.26
CA ASP A 211 18.65 -3.21 -24.35
C ASP A 211 18.67 -1.86 -23.63
N LEU A 212 19.66 -1.67 -22.76
CA LEU A 212 19.69 -0.50 -21.89
C LEU A 212 20.22 0.75 -22.58
N ASN A 213 20.57 0.68 -23.86
CA ASN A 213 20.78 1.86 -24.69
C ASN A 213 19.54 2.28 -25.45
N GLY A 214 18.51 1.43 -25.53
CA GLY A 214 17.26 1.77 -26.17
C GLY A 214 17.06 1.19 -27.55
N ASN A 215 17.85 0.21 -27.97
CA ASN A 215 17.73 -0.33 -29.32
C ASN A 215 16.92 -1.62 -29.32
N TRP A 216 16.39 -1.98 -30.49
CA TRP A 216 15.44 -3.07 -30.64
C TRP A 216 15.98 -4.13 -31.61
N TYR A 217 15.59 -5.38 -31.38
CA TYR A 217 16.02 -6.51 -32.21
C TYR A 217 15.00 -7.63 -32.04
N ASP A 218 15.31 -8.81 -32.60
CA ASP A 218 14.50 -10.03 -32.48
C ASP A 218 13.12 -9.94 -33.14
N PHE A 219 13.14 -9.83 -34.47
CA PHE A 219 11.93 -9.70 -35.28
C PHE A 219 11.33 -11.04 -35.73
N GLY A 220 11.46 -12.09 -34.92
CA GLY A 220 11.06 -13.42 -35.36
C GLY A 220 9.57 -13.73 -35.24
N ASP A 221 8.82 -12.98 -34.44
CA ASP A 221 7.38 -13.19 -34.28
C ASP A 221 6.56 -12.12 -34.98
N PHE A 222 7.18 -11.31 -35.83
CA PHE A 222 6.51 -10.25 -36.57
C PHE A 222 5.95 -10.78 -37.89
N ILE A 223 4.98 -10.05 -38.45
CA ILE A 223 4.42 -10.36 -39.75
C ILE A 223 4.16 -9.06 -40.51
N GLN A 224 3.86 -9.19 -41.79
CA GLN A 224 3.87 -8.08 -42.74
C GLN A 224 2.48 -7.82 -43.32
N THR A 225 2.16 -6.54 -43.47
CA THR A 225 0.93 -6.11 -44.13
C THR A 225 1.29 -5.01 -45.13
N THR A 226 0.27 -4.31 -45.65
CA THR A 226 0.52 -3.23 -46.60
C THR A 226 1.06 -2.00 -45.88
N PRO A 227 1.94 -1.24 -46.52
CA PRO A 227 2.54 -0.08 -45.84
C PRO A 227 1.50 0.92 -45.38
N GLY A 228 1.76 1.52 -44.22
CA GLY A 228 0.84 2.47 -43.62
C GLY A 228 -0.22 1.88 -42.74
N SER A 229 -0.23 0.56 -42.56
CA SER A 229 -1.27 -0.14 -41.82
C SER A 229 -0.69 -1.11 -40.80
N GLY A 230 0.52 -0.85 -40.32
CA GLY A 230 1.08 -1.67 -39.28
C GLY A 230 0.53 -1.33 -37.91
N VAL A 231 0.51 -2.33 -37.04
CA VAL A 231 -0.07 -2.17 -35.70
C VAL A 231 0.84 -2.79 -34.65
N PRO A 232 1.46 -1.98 -33.79
CA PRO A 232 2.19 -2.53 -32.64
C PRO A 232 1.33 -2.68 -31.39
N VAL A 233 1.56 -3.79 -30.68
CA VAL A 233 0.84 -4.14 -29.47
C VAL A 233 1.76 -3.85 -28.29
N VAL A 234 1.33 -2.97 -27.38
CA VAL A 234 2.20 -2.39 -26.37
C VAL A 234 1.66 -2.54 -24.96
N ASP A 235 0.74 -3.48 -24.74
CA ASP A 235 0.00 -3.50 -23.48
C ASP A 235 0.85 -3.99 -22.31
N SER A 236 1.59 -5.08 -22.50
CA SER A 236 2.38 -5.61 -21.38
C SER A 236 3.74 -4.92 -21.27
N TYR A 237 4.21 -4.26 -22.32
CA TYR A 237 5.45 -3.50 -22.23
C TYR A 237 5.31 -2.34 -21.25
N TYR A 238 4.27 -1.53 -21.41
CA TYR A 238 4.11 -0.33 -20.58
C TYR A 238 3.65 -0.68 -19.17
N SER A 239 2.74 -1.64 -19.05
CA SER A 239 2.16 -1.95 -17.75
C SER A 239 3.18 -2.56 -16.80
N LEU A 240 3.99 -3.50 -17.29
CA LEU A 240 5.04 -4.10 -16.46
C LEU A 240 6.10 -3.07 -16.05
N LEU A 241 6.23 -1.99 -16.81
CA LEU A 241 7.27 -1.00 -16.57
C LEU A 241 6.82 0.18 -15.72
N MET A 242 5.51 0.40 -15.59
CA MET A 242 5.01 1.57 -14.88
C MET A 242 5.57 1.76 -13.48
N PRO A 243 5.66 0.74 -12.61
CA PRO A 243 6.18 0.99 -11.26
C PRO A 243 7.59 1.56 -11.23
N ILE A 244 8.39 1.32 -12.26
CA ILE A 244 9.78 1.78 -12.28
C ILE A 244 9.90 3.25 -12.68
N LEU A 245 8.86 3.86 -13.24
CA LEU A 245 8.95 5.23 -13.73
C LEU A 245 8.91 6.24 -12.59
N THR A 246 8.24 5.92 -11.48
CA THR A 246 8.23 6.80 -10.32
C THR A 246 9.36 6.52 -9.35
N LEU A 247 9.94 5.32 -9.39
CA LEU A 247 11.05 5.01 -8.48
C LEU A 247 12.34 5.65 -8.95
N THR A 248 12.54 5.74 -10.27
CA THR A 248 13.71 6.43 -10.82
C THR A 248 13.44 7.88 -11.15
N ARG A 249 12.21 8.36 -11.00
CA ARG A 249 11.83 9.72 -11.36
C ARG A 249 12.27 10.06 -12.78
N ALA A 250 11.79 9.26 -13.73
CA ALA A 250 12.30 9.33 -15.10
C ALA A 250 11.96 10.64 -15.79
N LEU A 251 10.96 11.38 -15.31
CA LEU A 251 10.45 12.57 -15.99
C LEU A 251 10.93 13.87 -15.37
N THR A 252 12.08 13.85 -14.69
CA THR A 252 12.57 15.05 -14.02
C THR A 252 13.07 16.11 -15.00
N ALA A 253 13.51 15.70 -16.19
CA ALA A 253 13.98 16.67 -17.18
C ALA A 253 12.87 17.56 -17.70
N GLU A 254 11.61 17.21 -17.49
CA GLU A 254 10.50 17.97 -18.03
C GLU A 254 10.26 19.29 -17.29
N SER A 255 10.90 19.50 -16.16
CA SER A 255 10.79 20.75 -15.41
C SER A 255 11.92 21.72 -15.70
N HIS A 256 12.71 21.47 -16.74
CA HIS A 256 13.78 22.36 -17.17
C HIS A 256 13.39 23.06 -18.47
N VAL A 257 14.16 24.10 -18.83
CA VAL A 257 13.68 25.07 -19.81
C VAL A 257 13.45 24.40 -21.17
N ASP A 258 14.40 23.59 -21.63
CA ASP A 258 14.28 22.91 -22.92
C ASP A 258 14.34 21.40 -22.77
N THR A 259 13.83 20.88 -21.66
CA THR A 259 13.92 19.46 -21.35
C THR A 259 15.38 19.04 -21.26
N ASP A 260 16.23 19.97 -20.84
CA ASP A 260 17.66 19.76 -20.72
C ASP A 260 18.05 19.95 -19.26
N LEU A 261 18.79 18.98 -18.72
CA LEU A 261 19.12 18.98 -17.30
C LEU A 261 20.23 19.95 -16.94
N THR A 262 20.88 20.59 -17.92
CA THR A 262 21.94 21.54 -17.67
C THR A 262 21.45 22.99 -17.70
N LYS A 263 20.13 23.19 -17.78
CA LYS A 263 19.51 24.49 -17.84
C LYS A 263 18.67 24.74 -16.60
N PRO A 264 18.29 26.00 -16.34
CA PRO A 264 17.47 26.28 -15.16
C PRO A 264 16.07 25.71 -15.30
N TYR A 265 15.30 25.86 -14.23
CA TYR A 265 13.92 25.40 -14.20
C TYR A 265 13.01 26.35 -14.99
N ILE A 266 11.85 25.84 -15.36
CA ILE A 266 10.78 26.67 -15.92
C ILE A 266 10.20 27.52 -14.80
N LYS A 267 9.83 28.75 -15.13
CA LYS A 267 9.20 29.66 -14.19
C LYS A 267 7.76 29.85 -14.63
N TRP A 268 6.84 29.22 -13.91
CA TRP A 268 5.42 29.44 -14.16
C TRP A 268 4.94 30.64 -13.36
N ASP A 269 3.85 31.24 -13.80
CA ASP A 269 3.20 32.25 -12.97
C ASP A 269 2.39 31.58 -11.87
N LEU A 270 2.27 32.26 -10.74
CA LEU A 270 1.69 31.66 -9.54
C LEU A 270 0.19 31.50 -9.64
N LEU A 271 -0.49 32.21 -10.53
CA LEU A 271 -1.93 32.17 -10.60
C LEU A 271 -2.47 31.03 -11.43
N LYS A 272 -1.62 30.30 -12.13
CA LYS A 272 -2.05 29.22 -13.02
C LYS A 272 -2.33 27.94 -12.23
N TYR A 273 -3.43 27.27 -12.54
CA TYR A 273 -3.74 25.98 -11.92
C TYR A 273 -4.27 24.94 -12.89
N ASP A 274 -4.34 25.21 -14.19
CA ASP A 274 -5.05 24.30 -15.08
C ASP A 274 -4.17 23.16 -15.57
N PHE A 275 -3.18 23.47 -16.41
CA PHE A 275 -2.21 22.47 -16.86
C PHE A 275 -2.88 21.30 -17.59
N THR A 276 -4.05 21.52 -18.17
CA THR A 276 -4.76 20.45 -18.86
C THR A 276 -4.16 20.14 -20.22
N GLU A 277 -3.62 21.14 -20.93
CA GLU A 277 -2.95 20.92 -22.20
C GLU A 277 -1.55 20.34 -22.03
N GLU A 278 -0.86 20.70 -20.95
CA GLU A 278 0.44 20.09 -20.67
C GLU A 278 0.31 18.59 -20.47
N ARG A 279 -0.73 18.15 -19.77
CA ARG A 279 -0.93 16.73 -19.52
C ARG A 279 -1.16 15.96 -20.82
N LEU A 280 -1.95 16.53 -21.74
CA LEU A 280 -2.18 15.89 -23.04
C LEU A 280 -0.90 15.86 -23.86
N LYS A 281 -0.09 16.91 -23.79
CA LYS A 281 1.20 16.90 -24.48
C LYS A 281 2.11 15.82 -23.95
N LEU A 282 2.21 15.68 -22.63
CA LEU A 282 3.04 14.63 -22.05
C LEU A 282 2.56 13.25 -22.47
N PHE A 283 1.24 13.03 -22.42
CA PHE A 283 0.69 11.74 -22.81
C PHE A 283 1.03 11.44 -24.26
N ASP A 284 0.89 12.42 -25.14
CA ASP A 284 1.15 12.17 -26.56
C ASP A 284 2.65 12.04 -26.85
N ARG A 285 3.50 12.52 -25.94
CA ARG A 285 4.93 12.40 -26.18
C ARG A 285 5.49 11.06 -25.73
N TYR A 286 4.96 10.46 -24.65
CA TYR A 286 5.56 9.24 -24.12
C TYR A 286 4.70 7.98 -24.25
N PHE A 287 3.42 8.11 -24.58
CA PHE A 287 2.47 6.98 -24.61
C PHE A 287 1.61 7.05 -25.84
N LYS A 288 2.22 7.26 -27.00
CA LYS A 288 1.44 7.62 -28.18
C LYS A 288 0.57 6.47 -28.66
N TYR A 289 1.04 5.23 -28.54
CA TYR A 289 0.33 4.09 -29.10
C TYR A 289 -0.44 3.29 -28.05
N TRP A 290 -0.55 3.79 -26.82
CA TRP A 290 -1.45 3.25 -25.83
C TRP A 290 -2.88 3.64 -26.20
N ASP A 291 -3.70 2.66 -26.58
CA ASP A 291 -4.97 2.92 -27.25
C ASP A 291 -6.14 2.74 -26.29
N GLN A 292 -6.20 3.59 -25.29
CA GLN A 292 -7.39 3.70 -24.45
C GLN A 292 -7.50 5.17 -24.06
N THR A 293 -8.73 5.69 -24.03
CA THR A 293 -8.92 7.12 -23.84
C THR A 293 -8.45 7.57 -22.47
N TYR A 294 -7.77 8.72 -22.45
CA TYR A 294 -7.25 9.33 -21.23
C TYR A 294 -8.03 10.61 -20.97
N HIS A 295 -8.54 10.75 -19.75
CA HIS A 295 -9.25 11.95 -19.32
C HIS A 295 -8.39 12.72 -18.32
N PRO A 296 -7.81 13.86 -18.69
CA PRO A 296 -7.02 14.63 -17.71
C PRO A 296 -7.83 15.05 -16.48
N ASN A 297 -9.13 15.25 -16.62
CA ASN A 297 -10.02 15.54 -15.50
C ASN A 297 -10.98 14.37 -15.33
N CYS A 298 -10.86 13.66 -14.21
CA CYS A 298 -11.59 12.42 -13.96
C CYS A 298 -13.08 12.65 -13.73
N VAL A 299 -13.56 13.89 -13.77
CA VAL A 299 -14.99 14.16 -13.75
C VAL A 299 -15.65 13.79 -15.08
N ASN A 300 -14.86 13.46 -16.09
CA ASN A 300 -15.37 13.01 -17.39
C ASN A 300 -15.21 11.50 -17.60
N CYS A 301 -14.91 10.76 -16.54
CA CYS A 301 -14.72 9.33 -16.67
C CYS A 301 -16.05 8.58 -16.62
N LEU A 302 -16.06 7.40 -17.25
CA LEU A 302 -17.29 6.69 -17.55
C LEU A 302 -17.76 5.76 -16.45
N ASP A 303 -16.85 5.05 -15.78
CA ASP A 303 -17.19 4.23 -14.63
C ASP A 303 -15.99 4.28 -13.69
N ASP A 304 -16.05 3.52 -12.58
CA ASP A 304 -14.99 3.59 -11.60
C ASP A 304 -13.73 2.83 -12.04
N ARG A 305 -13.85 1.92 -13.00
CA ARG A 305 -12.66 1.32 -13.59
C ARG A 305 -11.94 2.33 -14.48
N CYS A 306 -12.68 3.24 -15.09
CA CYS A 306 -12.06 4.30 -15.89
C CYS A 306 -11.31 5.28 -15.00
N ILE A 307 -11.86 5.63 -13.84
CA ILE A 307 -11.23 6.62 -12.96
C ILE A 307 -9.85 6.14 -12.52
N LEU A 308 -9.75 4.86 -12.16
CA LEU A 308 -8.47 4.30 -11.73
C LEU A 308 -7.44 4.41 -12.84
N HIS A 309 -7.82 4.05 -14.06
CA HIS A 309 -6.94 4.12 -15.22
C HIS A 309 -6.34 5.51 -15.40
N CYS A 310 -7.18 6.55 -15.34
CA CYS A 310 -6.74 7.91 -15.64
C CYS A 310 -6.04 8.58 -14.46
N ALA A 311 -6.51 8.31 -13.24
CA ALA A 311 -5.82 8.81 -12.06
C ALA A 311 -4.41 8.24 -11.95
N ASN A 312 -4.18 7.04 -12.47
CA ASN A 312 -2.82 6.51 -12.48
C ASN A 312 -1.89 7.35 -13.35
N PHE A 313 -2.34 7.75 -14.55
CA PHE A 313 -1.53 8.65 -15.39
C PHE A 313 -1.37 10.03 -14.73
N ASN A 314 -2.40 10.50 -14.05
CA ASN A 314 -2.33 11.79 -13.37
C ASN A 314 -1.28 11.78 -12.26
N VAL A 315 -1.17 10.69 -11.51
CA VAL A 315 -0.17 10.62 -10.44
C VAL A 315 1.22 10.87 -11.00
N LEU A 316 1.52 10.31 -12.17
CA LEU A 316 2.83 10.52 -12.77
C LEU A 316 3.00 11.93 -13.30
N PHE A 317 2.01 12.45 -14.03
CA PHE A 317 2.19 13.76 -14.65
C PHE A 317 2.20 14.90 -13.63
N SER A 318 1.59 14.72 -12.46
CA SER A 318 1.53 15.80 -11.49
C SER A 318 2.86 16.12 -10.83
N THR A 319 3.85 15.24 -10.94
CA THR A 319 5.17 15.50 -10.37
C THR A 319 5.94 16.58 -11.11
N VAL A 320 5.49 16.99 -12.30
CA VAL A 320 6.18 17.97 -13.11
C VAL A 320 5.77 19.40 -12.74
N PHE A 321 4.62 19.57 -12.08
CA PHE A 321 4.02 20.88 -11.93
C PHE A 321 4.28 21.46 -10.54
N PRO A 322 4.24 22.78 -10.40
CA PRO A 322 4.60 23.39 -9.13
C PRO A 322 3.65 22.97 -8.04
N PRO A 323 4.16 22.75 -6.82
CA PRO A 323 3.32 22.27 -5.73
C PRO A 323 2.36 23.30 -5.14
N THR A 324 2.52 24.58 -5.44
CA THR A 324 1.63 25.62 -4.93
C THR A 324 0.34 25.75 -5.73
N SER A 325 0.21 25.05 -6.85
CA SER A 325 -0.97 25.12 -7.70
C SER A 325 -2.01 24.07 -7.33
N PHE A 326 -1.74 23.24 -6.34
CA PHE A 326 -2.65 22.19 -5.91
C PHE A 326 -3.37 22.62 -4.64
N GLY A 327 -4.61 22.17 -4.50
CA GLY A 327 -5.41 22.50 -3.35
C GLY A 327 -6.68 23.24 -3.69
N PRO A 328 -7.28 23.90 -2.69
CA PRO A 328 -8.54 24.61 -2.92
C PRO A 328 -8.39 25.80 -3.85
N LEU A 329 -9.45 26.06 -4.61
CA LEU A 329 -9.54 27.22 -5.49
C LEU A 329 -10.59 28.17 -4.91
N VAL A 330 -10.22 29.44 -4.74
CA VAL A 330 -11.04 30.39 -4.01
C VAL A 330 -11.43 31.55 -4.93
N ARG A 331 -12.46 32.27 -4.51
CA ARG A 331 -12.87 33.51 -5.18
C ARG A 331 -13.67 34.36 -4.21
N LYS A 332 -14.07 35.53 -4.68
CA LYS A 332 -14.64 36.58 -3.85
C LYS A 332 -16.14 36.68 -4.10
N ILE A 333 -16.93 36.59 -3.02
CA ILE A 333 -18.38 36.75 -3.10
C ILE A 333 -18.78 37.89 -2.17
N PHE A 334 -20.03 38.32 -2.30
CA PHE A 334 -20.56 39.46 -1.55
C PHE A 334 -21.80 39.04 -0.78
N VAL A 335 -21.81 39.28 0.52
CA VAL A 335 -23.00 39.08 1.36
C VAL A 335 -23.39 40.43 1.93
N ASP A 336 -24.60 40.88 1.61
CA ASP A 336 -25.09 42.19 2.05
C ASP A 336 -24.10 43.29 1.67
N GLY A 337 -23.33 43.05 0.62
CA GLY A 337 -22.38 44.03 0.13
C GLY A 337 -21.00 43.99 0.75
N VAL A 338 -20.74 43.06 1.67
CA VAL A 338 -19.40 42.91 2.23
C VAL A 338 -18.72 41.72 1.53
N PRO A 339 -17.43 41.81 1.18
CA PRO A 339 -16.79 40.71 0.45
C PRO A 339 -16.13 39.66 1.35
N PHE A 340 -16.37 38.40 1.01
CA PHE A 340 -15.73 37.24 1.60
C PHE A 340 -14.68 36.68 0.65
N VAL A 341 -14.10 35.55 1.04
CA VAL A 341 -13.18 34.77 0.21
C VAL A 341 -13.51 33.30 0.49
N VAL A 342 -14.10 32.61 -0.47
CA VAL A 342 -14.61 31.26 -0.24
C VAL A 342 -14.13 30.32 -1.34
N SER A 343 -14.10 29.04 -0.99
CA SER A 343 -13.63 27.98 -1.88
C SER A 343 -14.76 27.54 -2.80
N THR A 344 -14.45 27.37 -4.09
CA THR A 344 -15.45 27.08 -5.13
C THR A 344 -15.00 25.93 -6.01
N GLY A 345 -13.96 25.22 -5.61
CA GLY A 345 -13.41 24.15 -6.44
C GLY A 345 -12.13 23.64 -5.83
N TYR A 346 -11.54 22.67 -6.52
CA TYR A 346 -10.36 22.00 -6.01
C TYR A 346 -9.53 21.51 -7.18
N HIS A 347 -8.21 21.43 -6.96
CA HIS A 347 -7.27 20.93 -7.96
C HIS A 347 -6.52 19.75 -7.34
N PHE A 348 -6.94 18.53 -7.67
CA PHE A 348 -6.36 17.31 -7.13
C PHE A 348 -5.19 16.83 -7.98
N ARG A 349 -4.18 16.29 -7.29
CA ARG A 349 -3.06 15.65 -7.97
C ARG A 349 -3.48 14.43 -8.78
N GLU A 350 -4.41 13.63 -8.27
CA GLU A 350 -4.85 12.42 -8.94
C GLU A 350 -6.09 12.61 -9.80
N LEU A 351 -6.94 13.59 -9.51
CA LEU A 351 -8.22 13.72 -10.17
C LEU A 351 -8.35 14.95 -11.07
N GLY A 352 -7.44 15.93 -10.98
CA GLY A 352 -7.58 17.10 -11.84
C GLY A 352 -8.42 18.20 -11.22
N VAL A 353 -9.01 19.02 -12.09
CA VAL A 353 -9.75 20.23 -11.66
C VAL A 353 -11.22 19.89 -11.50
N VAL A 354 -11.80 20.30 -10.37
CA VAL A 354 -13.22 20.12 -10.07
C VAL A 354 -13.81 21.47 -9.69
N HIS A 355 -14.93 21.83 -10.29
CA HIS A 355 -15.64 23.07 -10.00
C HIS A 355 -16.99 22.77 -9.34
N ASN A 356 -17.31 23.54 -8.30
CA ASN A 356 -18.60 23.38 -7.61
C ASN A 356 -19.75 23.84 -8.50
N GLN A 357 -20.89 23.17 -8.34
CA GLN A 357 -22.05 23.39 -9.21
C GLN A 357 -22.99 24.48 -8.71
N ASP A 358 -23.16 24.63 -7.41
CA ASP A 358 -24.11 25.59 -6.84
C ASP A 358 -23.34 26.64 -6.05
N VAL A 359 -22.86 27.67 -6.75
CA VAL A 359 -22.17 28.80 -6.14
C VAL A 359 -22.90 30.07 -6.56
N ASN A 360 -23.27 30.89 -5.58
CA ASN A 360 -23.99 32.14 -5.82
C ASN A 360 -23.17 33.29 -5.26
N LEU A 361 -22.97 34.32 -6.09
CA LEU A 361 -22.06 35.41 -5.75
C LEU A 361 -22.74 36.46 -4.88
N HIS A 362 -23.97 36.82 -5.22
CA HIS A 362 -24.72 37.85 -4.49
C HIS A 362 -25.83 37.18 -3.69
N SER A 363 -25.86 37.45 -2.39
CA SER A 363 -26.83 36.83 -1.50
C SER A 363 -27.09 37.74 -0.30
N SER A 364 -28.22 37.51 0.33
CA SER A 364 -28.61 38.19 1.56
C SER A 364 -28.13 37.38 2.76
N ARG A 365 -28.59 37.73 3.96
CA ARG A 365 -28.20 37.03 5.17
C ARG A 365 -28.22 35.52 4.96
N LEU A 366 -27.14 34.87 5.40
CA LEU A 366 -26.95 33.45 5.17
C LEU A 366 -27.45 32.63 6.36
N SER A 367 -27.66 31.33 6.11
CA SER A 367 -28.39 30.47 7.03
C SER A 367 -27.42 29.71 7.95
N PHE A 368 -27.95 28.75 8.70
CA PHE A 368 -27.15 28.01 9.67
C PHE A 368 -26.16 27.08 9.00
N LYS A 369 -26.61 26.32 7.99
CA LYS A 369 -25.70 25.40 7.32
C LYS A 369 -24.68 26.13 6.47
N GLU A 370 -25.05 27.28 5.89
CA GLU A 370 -24.07 28.09 5.18
C GLU A 370 -22.99 28.62 6.12
N LEU A 371 -23.38 29.05 7.32
CA LEU A 371 -22.40 29.45 8.33
C LEU A 371 -21.49 28.30 8.69
N LEU A 372 -22.07 27.10 8.87
CA LEU A 372 -21.25 25.94 9.18
C LEU A 372 -20.21 25.69 8.08
N VAL A 373 -20.65 25.75 6.82
CA VAL A 373 -19.77 25.45 5.70
C VAL A 373 -18.68 26.50 5.57
N TYR A 374 -19.01 27.77 5.81
CA TYR A 374 -17.98 28.81 5.71
C TYR A 374 -17.04 28.82 6.90
N ALA A 375 -17.47 28.39 8.08
CA ALA A 375 -16.55 28.24 9.19
C ALA A 375 -15.65 27.03 9.08
N ALA A 376 -16.08 25.99 8.37
CA ALA A 376 -15.24 24.81 8.15
C ALA A 376 -14.13 25.03 7.12
N ASP A 377 -14.32 25.92 6.16
CA ASP A 377 -13.34 26.09 5.09
C ASP A 377 -12.03 26.63 5.63
N PRO A 378 -10.88 26.18 5.11
CA PRO A 378 -9.61 26.83 5.45
C PRO A 378 -9.37 28.14 4.71
N ALA A 379 -10.26 28.57 3.83
CA ALA A 379 -10.00 29.73 2.99
C ALA A 379 -9.87 30.99 3.84
N MET A 380 -10.83 31.25 4.72
CA MET A 380 -10.80 32.48 5.49
C MET A 380 -9.78 32.43 6.61
N HIS A 381 -9.51 31.23 7.14
CA HIS A 381 -8.45 31.09 8.15
C HIS A 381 -7.08 31.35 7.55
N ALA A 382 -6.82 30.80 6.36
CA ALA A 382 -5.51 30.94 5.74
C ALA A 382 -5.32 32.32 5.12
N ALA A 383 -6.40 32.93 4.62
CA ALA A 383 -6.29 34.24 4.01
C ALA A 383 -5.98 35.35 5.01
N SER A 384 -6.35 35.20 6.27
CA SER A 384 -6.18 36.24 7.27
C SER A 384 -5.09 35.90 8.29
N GLY A 385 -4.22 34.95 7.97
CA GLY A 385 -3.15 34.57 8.85
C GLY A 385 -1.83 35.17 8.41
N ASN A 386 -0.76 34.78 9.09
CA ASN A 386 0.58 35.20 8.74
C ASN A 386 1.24 34.17 7.83
N LEU A 387 2.25 34.62 7.09
CA LEU A 387 3.07 33.72 6.30
C LEU A 387 4.08 33.03 7.21
N LEU A 388 4.28 31.74 6.97
CA LEU A 388 5.09 30.90 7.85
C LEU A 388 6.18 30.22 7.05
N LEU A 389 7.37 30.14 7.63
CA LEU A 389 8.50 29.41 7.06
C LEU A 389 9.08 28.54 8.17
N ASP A 390 8.67 27.28 8.21
CA ASP A 390 9.03 26.36 9.29
C ASP A 390 10.14 25.44 8.81
N LYS A 391 11.33 25.63 9.35
CA LYS A 391 12.52 24.88 8.93
C LYS A 391 12.74 23.62 9.73
N ARG A 392 11.84 23.29 10.65
CA ARG A 392 11.96 22.04 11.40
C ARG A 392 11.54 20.84 10.56
N THR A 393 10.72 21.04 9.54
CA THR A 393 10.15 19.96 8.75
C THR A 393 10.30 20.24 7.27
N THR A 394 10.21 19.18 6.47
CA THR A 394 10.31 19.27 5.02
C THR A 394 8.95 19.29 4.34
N CYS A 395 7.87 19.29 5.10
CA CYS A 395 6.52 19.37 4.56
C CYS A 395 6.21 20.80 4.14
N PHE A 396 5.11 20.98 3.41
CA PHE A 396 4.73 22.28 2.90
C PHE A 396 3.99 23.07 3.96
N SER A 397 4.43 24.30 4.20
CA SER A 397 3.94 25.15 5.27
C SER A 397 3.11 26.28 4.68
N VAL A 398 1.92 26.51 5.24
CA VAL A 398 0.94 27.43 4.67
C VAL A 398 0.90 28.75 5.44
N ALA A 399 0.46 28.71 6.71
CA ALA A 399 0.27 29.95 7.44
C ALA A 399 0.31 29.67 8.93
N ALA A 400 0.49 30.75 9.69
CA ALA A 400 0.45 30.71 11.15
C ALA A 400 -0.76 31.50 11.61
N LEU A 401 -1.64 30.86 12.36
CA LEU A 401 -2.92 31.48 12.70
C LEU A 401 -2.82 32.44 13.86
N THR A 402 -1.72 32.44 14.61
CA THR A 402 -1.53 33.37 15.70
C THR A 402 -0.10 33.91 15.69
N ASN A 403 0.31 34.60 16.75
CA ASN A 403 1.63 35.23 16.81
C ASN A 403 2.63 34.44 17.64
N ASN A 404 2.23 33.32 18.23
CA ASN A 404 3.14 32.48 19.00
C ASN A 404 3.02 31.04 18.52
N VAL A 405 4.11 30.29 18.67
CA VAL A 405 4.11 28.85 18.42
C VAL A 405 3.90 28.12 19.74
N ALA A 406 3.16 27.02 19.68
CA ALA A 406 2.83 26.25 20.88
C ALA A 406 3.72 25.02 20.96
N PHE A 407 4.15 24.67 22.18
CA PHE A 407 5.01 23.53 22.44
C PHE A 407 4.36 22.66 23.52
N GLN A 408 3.76 21.55 23.11
CA GLN A 408 2.98 20.70 24.00
C GLN A 408 3.82 19.49 24.42
N THR A 409 3.72 19.13 25.69
CA THR A 409 4.48 18.03 26.28
C THR A 409 3.55 16.92 26.75
N VAL A 410 4.14 15.83 27.19
CA VAL A 410 3.43 14.67 27.73
C VAL A 410 3.99 14.36 29.11
N LYS A 411 3.11 14.08 30.05
CA LYS A 411 3.47 13.92 31.45
C LYS A 411 3.81 12.47 31.79
N PRO A 412 4.49 12.23 32.93
CA PRO A 412 4.66 10.87 33.41
C PRO A 412 3.39 10.31 34.04
N GLY A 413 3.41 9.05 34.45
CA GLY A 413 2.26 8.42 35.06
C GLY A 413 2.23 8.59 36.57
N ASN A 414 1.23 7.96 37.17
CA ASN A 414 1.05 7.95 38.61
C ASN A 414 1.33 6.56 39.16
N PHE A 415 2.03 6.49 40.28
CA PHE A 415 2.46 5.23 40.87
C PHE A 415 1.43 4.77 41.89
N ASN A 416 0.95 3.54 41.73
CA ASN A 416 0.04 2.90 42.68
C ASN A 416 0.90 2.08 43.63
N LYS A 417 1.24 2.66 44.79
CA LYS A 417 2.23 2.06 45.66
C LYS A 417 1.69 0.88 46.45
N ASP A 418 0.39 0.89 46.78
CA ASP A 418 -0.19 -0.19 47.58
C ASP A 418 -0.21 -1.50 46.82
N PHE A 419 -0.66 -1.48 45.57
CA PHE A 419 -0.69 -2.71 44.80
C PHE A 419 0.72 -3.26 44.62
N TYR A 420 1.69 -2.38 44.37
CA TYR A 420 3.07 -2.82 44.21
C TYR A 420 3.61 -3.45 45.49
N ASP A 421 3.30 -2.85 46.64
CA ASP A 421 3.75 -3.44 47.91
C ASP A 421 3.09 -4.80 48.16
N PHE A 422 1.79 -4.90 47.90
CA PHE A 422 1.10 -6.18 48.05
C PHE A 422 1.71 -7.25 47.15
N ALA A 423 2.02 -6.88 45.91
CA ALA A 423 2.65 -7.82 44.99
C ALA A 423 4.03 -8.24 45.47
N VAL A 424 4.82 -7.30 45.98
CA VAL A 424 6.15 -7.63 46.48
C VAL A 424 6.04 -8.57 47.67
N SER A 425 5.03 -8.39 48.51
CA SER A 425 4.90 -9.24 49.69
C SER A 425 4.46 -10.66 49.38
N LYS A 426 4.14 -10.98 48.12
CA LYS A 426 3.76 -12.33 47.72
C LYS A 426 4.80 -12.95 46.80
N GLY A 427 6.00 -12.40 46.74
CA GLY A 427 7.08 -13.03 46.01
C GLY A 427 7.25 -12.59 44.58
N PHE A 428 6.64 -11.49 44.18
CA PHE A 428 6.79 -10.99 42.82
C PHE A 428 7.99 -10.06 42.72
N PHE A 429 8.51 -9.94 41.49
CA PHE A 429 9.62 -9.05 41.19
C PHE A 429 10.88 -9.47 41.94
N LYS A 430 11.27 -10.73 41.77
CA LYS A 430 12.55 -11.20 42.28
C LYS A 430 13.58 -11.26 41.16
N GLU A 431 14.84 -11.42 41.56
CA GLU A 431 15.92 -11.48 40.60
C GLU A 431 15.91 -12.81 39.87
N GLY A 432 16.03 -12.76 38.54
CA GLY A 432 15.97 -13.96 37.74
C GLY A 432 14.58 -14.43 37.40
N SER A 433 13.55 -13.66 37.76
CA SER A 433 12.19 -14.05 37.46
C SER A 433 11.87 -13.85 35.98
N SER A 434 10.90 -14.62 35.48
CA SER A 434 10.46 -14.51 34.11
C SER A 434 9.32 -13.52 33.92
N VAL A 435 8.86 -12.87 35.00
CA VAL A 435 7.86 -11.81 34.93
C VAL A 435 8.51 -10.54 35.45
N GLU A 436 8.50 -9.49 34.64
CA GLU A 436 9.04 -8.20 35.05
C GLU A 436 8.33 -7.10 34.28
N LEU A 437 8.47 -5.88 34.77
CA LEU A 437 7.73 -4.74 34.24
C LEU A 437 8.43 -4.17 33.02
N LYS A 438 7.68 -4.04 31.90
CA LYS A 438 8.22 -3.36 30.72
C LYS A 438 7.17 -2.54 29.98
N HIS A 439 6.09 -2.13 30.64
CA HIS A 439 5.07 -1.27 30.06
C HIS A 439 4.92 -0.04 30.95
N PHE A 440 5.16 1.14 30.40
CA PHE A 440 5.22 2.36 31.19
C PHE A 440 4.51 3.50 30.48
N PHE A 441 4.35 4.60 31.20
CA PHE A 441 3.99 5.90 30.62
C PHE A 441 5.28 6.66 30.33
N PHE A 442 5.60 6.83 29.06
CA PHE A 442 6.78 7.58 28.67
C PHE A 442 6.42 9.04 28.46
N ALA A 443 7.33 9.93 28.84
CA ALA A 443 7.14 11.37 28.78
C ALA A 443 7.82 11.94 27.54
N GLN A 444 7.30 13.07 27.06
CA GLN A 444 7.81 13.71 25.86
C GLN A 444 8.04 15.20 26.12
N ASP A 445 8.92 15.81 25.33
CA ASP A 445 9.30 17.19 25.52
C ASP A 445 8.58 18.09 24.52
N GLY A 446 8.98 19.36 24.45
CA GLY A 446 8.17 20.37 23.77
C GLY A 446 8.03 20.13 22.28
N ASN A 447 9.12 19.77 21.61
CA ASN A 447 9.09 19.59 20.16
C ASN A 447 8.96 18.11 19.84
N ALA A 448 7.81 17.55 20.22
CA ALA A 448 7.47 16.15 20.03
C ALA A 448 6.32 15.95 19.06
N ALA A 449 5.39 16.89 18.99
CA ALA A 449 4.29 16.78 18.05
C ALA A 449 4.77 17.02 16.62
N ILE A 450 5.63 18.02 16.43
CA ILE A 450 6.13 18.34 15.10
C ILE A 450 7.07 17.26 14.61
N SER A 451 7.86 16.68 15.51
CA SER A 451 8.76 15.60 15.14
C SER A 451 7.99 14.38 14.66
N ASP A 452 6.85 14.09 15.30
CA ASP A 452 6.01 12.98 14.87
C ASP A 452 5.35 13.26 13.54
N TYR A 453 4.91 14.51 13.32
CA TYR A 453 4.26 14.86 12.07
C TYR A 453 5.19 14.70 10.87
N ASP A 454 6.49 14.93 11.07
CA ASP A 454 7.45 14.86 9.98
C ASP A 454 7.69 13.45 9.47
N TYR A 455 6.95 12.45 9.96
CA TYR A 455 7.07 11.09 9.45
C TYR A 455 6.29 10.88 8.15
N TYR A 456 5.54 11.88 7.70
CA TYR A 456 4.92 11.85 6.39
C TYR A 456 5.92 12.04 5.25
N ARG A 457 7.20 12.22 5.55
CA ARG A 457 8.22 12.20 4.53
C ARG A 457 8.37 10.84 3.88
N TYR A 458 7.84 9.79 4.51
CA TYR A 458 7.89 8.45 3.98
C TYR A 458 6.80 8.16 2.96
N ASN A 459 5.90 9.10 2.71
CA ASN A 459 4.87 8.97 1.68
C ASN A 459 5.43 9.50 0.37
N LEU A 460 5.47 8.65 -0.64
CA LEU A 460 6.04 8.98 -1.94
C LEU A 460 5.00 8.78 -3.04
N PRO A 461 5.08 9.53 -4.13
CA PRO A 461 4.19 9.26 -5.28
C PRO A 461 4.55 7.94 -5.96
N THR A 462 3.55 7.09 -6.14
CA THR A 462 3.74 5.74 -6.63
C THR A 462 2.79 5.46 -7.79
N MET A 463 3.33 4.96 -8.89
CA MET A 463 2.54 4.51 -10.02
C MET A 463 2.42 2.99 -9.96
N CYS A 464 1.24 2.49 -10.30
CA CYS A 464 0.94 1.07 -10.24
C CYS A 464 0.97 0.45 -11.63
N ASP A 465 1.09 -0.88 -11.64
CA ASP A 465 0.81 -1.69 -12.81
C ASP A 465 -0.71 -1.69 -12.98
N ILE A 466 -1.22 -0.94 -13.96
CA ILE A 466 -2.65 -0.69 -14.03
C ILE A 466 -3.42 -1.95 -14.45
N ARG A 467 -2.89 -2.71 -15.41
CA ARG A 467 -3.59 -3.90 -15.85
C ARG A 467 -3.65 -4.98 -14.78
N GLN A 468 -2.64 -5.08 -13.93
CA GLN A 468 -2.64 -5.96 -12.78
C GLN A 468 -3.62 -5.50 -11.69
N LEU A 469 -3.71 -4.18 -11.47
CA LEU A 469 -4.59 -3.67 -10.42
C LEU A 469 -6.06 -3.84 -10.79
N LEU A 470 -6.39 -3.71 -12.07
CA LEU A 470 -7.78 -3.83 -12.50
C LEU A 470 -8.34 -5.23 -12.35
N PHE A 471 -7.49 -6.26 -12.31
CA PHE A 471 -7.91 -7.63 -12.01
C PHE A 471 -8.00 -7.88 -10.51
N VAL A 472 -7.01 -7.41 -9.76
CA VAL A 472 -7.01 -7.59 -8.32
C VAL A 472 -8.22 -6.90 -7.70
N VAL A 473 -8.64 -5.75 -8.26
CA VAL A 473 -9.80 -5.06 -7.71
C VAL A 473 -11.06 -5.90 -7.91
N GLU A 474 -11.15 -6.63 -9.02
CA GLU A 474 -12.31 -7.48 -9.23
C GLU A 474 -12.29 -8.69 -8.30
N VAL A 475 -11.10 -9.21 -7.98
CA VAL A 475 -11.05 -10.32 -7.03
C VAL A 475 -11.33 -9.83 -5.61
N VAL A 476 -10.81 -8.67 -5.22
CA VAL A 476 -11.04 -8.15 -3.88
C VAL A 476 -12.54 -7.95 -3.64
N ASP A 477 -13.30 -7.69 -4.70
CA ASP A 477 -14.70 -7.37 -4.56
C ASP A 477 -15.55 -8.60 -4.26
N LYS A 478 -15.03 -9.79 -4.54
CA LYS A 478 -15.75 -11.02 -4.22
C LYS A 478 -15.78 -11.26 -2.71
N TYR A 479 -14.81 -10.70 -1.99
CA TYR A 479 -14.78 -10.87 -0.54
C TYR A 479 -15.85 -10.03 0.14
N PHE A 480 -16.25 -8.93 -0.48
CA PHE A 480 -17.27 -8.03 0.07
C PHE A 480 -18.56 -8.16 -0.71
N ASP A 481 -19.11 -9.38 -0.70
CA ASP A 481 -20.24 -9.72 -1.55
C ASP A 481 -21.47 -10.22 -0.80
N CYS A 482 -21.36 -10.49 0.49
CA CYS A 482 -22.47 -10.99 1.30
C CYS A 482 -23.07 -9.91 2.18
N TYR A 483 -22.70 -8.65 1.96
CA TYR A 483 -23.19 -7.53 2.74
C TYR A 483 -24.10 -6.67 1.89
N ASP A 484 -24.81 -5.73 2.51
CA ASP A 484 -25.63 -4.78 1.77
C ASP A 484 -25.47 -3.39 2.37
N GLY A 485 -25.53 -2.39 1.50
CA GLY A 485 -25.38 -1.01 1.90
C GLY A 485 -26.19 -0.08 1.02
N GLY A 486 -25.91 1.20 1.17
CA GLY A 486 -26.69 2.23 0.55
C GLY A 486 -26.89 3.37 1.54
N CYS A 487 -27.54 4.43 1.07
CA CYS A 487 -27.70 5.64 1.86
C CYS A 487 -28.85 5.49 2.86
N ILE A 488 -28.76 6.24 3.96
CA ILE A 488 -29.80 6.28 4.98
C ILE A 488 -30.10 7.74 5.31
N ASN A 489 -31.25 7.95 5.92
CA ASN A 489 -31.71 9.28 6.32
C ASN A 489 -31.12 9.69 7.66
N ALA A 490 -31.24 10.98 7.97
CA ALA A 490 -30.65 11.53 9.18
C ALA A 490 -31.24 10.95 10.45
N ASN A 491 -32.46 10.44 10.40
CA ASN A 491 -33.10 9.89 11.59
C ASN A 491 -32.86 8.41 11.77
N GLN A 492 -31.94 7.82 11.00
CA GLN A 492 -31.56 6.42 11.16
C GLN A 492 -30.10 6.26 11.57
N VAL A 493 -29.41 7.32 11.93
CA VAL A 493 -27.99 7.29 12.22
C VAL A 493 -27.79 7.02 13.71
N ILE A 494 -26.80 6.21 14.05
CA ILE A 494 -26.49 5.83 15.42
C ILE A 494 -25.12 6.41 15.75
N VAL A 495 -25.03 7.17 16.84
CA VAL A 495 -23.77 7.70 17.34
C VAL A 495 -23.55 7.15 18.74
N ASN A 496 -22.37 6.58 18.97
CA ASN A 496 -22.10 5.93 20.25
C ASN A 496 -22.00 6.93 21.40
N ASN A 497 -21.12 7.92 21.26
CA ASN A 497 -20.83 8.85 22.35
C ASN A 497 -20.80 10.27 21.78
N LEU A 498 -21.67 11.13 22.31
CA LEU A 498 -21.84 12.49 21.81
C LEU A 498 -21.03 13.52 22.58
N ASP A 499 -20.21 13.11 23.54
CA ASP A 499 -19.40 14.03 24.32
C ASP A 499 -17.94 13.99 23.91
N LYS A 500 -17.66 13.89 22.62
CA LYS A 500 -16.32 13.91 22.08
C LYS A 500 -16.14 15.13 21.19
N SER A 501 -14.88 15.43 20.88
CA SER A 501 -14.54 16.70 20.24
C SER A 501 -15.13 16.79 18.84
N ALA A 502 -15.40 18.03 18.42
CA ALA A 502 -15.92 18.32 17.09
C ALA A 502 -14.83 18.77 16.12
N GLY A 503 -13.62 19.01 16.60
CA GLY A 503 -12.52 19.45 15.75
C GLY A 503 -12.38 20.95 15.73
N PHE A 504 -11.50 21.41 14.84
CA PHE A 504 -11.23 22.82 14.65
C PHE A 504 -12.08 23.37 13.51
N PRO A 505 -12.69 24.56 13.66
CA PRO A 505 -12.73 25.46 14.83
C PRO A 505 -13.92 25.21 15.74
N PHE A 506 -14.69 24.16 15.51
CA PHE A 506 -15.93 23.94 16.23
C PHE A 506 -15.72 23.60 17.69
N ASN A 507 -14.52 23.17 18.08
CA ASN A 507 -14.23 22.88 19.48
C ASN A 507 -14.06 24.13 20.33
N LYS A 508 -14.28 25.31 19.77
CA LYS A 508 -14.32 26.54 20.54
C LYS A 508 -15.64 26.75 21.27
N TRP A 509 -16.69 26.06 20.86
CA TRP A 509 -18.03 26.37 21.33
C TRP A 509 -18.79 25.16 21.88
N GLY A 510 -18.28 23.95 21.76
CA GLY A 510 -18.94 22.81 22.37
C GLY A 510 -18.48 21.49 21.79
N LYS A 511 -19.09 20.43 22.31
CA LYS A 511 -18.81 19.07 21.87
C LYS A 511 -19.68 18.73 20.67
N ALA A 512 -19.62 17.48 20.22
CA ALA A 512 -20.46 17.05 19.11
C ALA A 512 -21.94 17.15 19.43
N ARG A 513 -22.33 16.93 20.69
CA ARG A 513 -23.74 17.03 21.07
C ARG A 513 -24.33 18.37 20.64
N LEU A 514 -23.63 19.46 20.92
CA LEU A 514 -24.15 20.78 20.60
C LEU A 514 -24.56 20.89 19.14
N TYR A 515 -23.87 20.16 18.26
CA TYR A 515 -24.14 20.28 16.84
C TYR A 515 -25.19 19.30 16.36
N TYR A 516 -25.40 18.19 17.06
CA TYR A 516 -26.50 17.30 16.73
C TYR A 516 -27.82 17.76 17.33
N ASP A 517 -27.80 18.68 18.29
CA ASP A 517 -29.01 19.27 18.83
C ASP A 517 -29.47 20.47 18.01
N SER A 518 -28.55 21.37 17.67
CA SER A 518 -28.91 22.59 16.95
C SER A 518 -29.38 22.31 15.54
N MET A 519 -28.93 21.23 14.92
CA MET A 519 -29.32 20.88 13.55
C MET A 519 -30.49 19.91 13.60
N SER A 520 -31.57 20.25 12.89
CA SER A 520 -32.72 19.37 12.78
C SER A 520 -32.45 18.31 11.74
N TYR A 521 -33.37 17.35 11.63
CA TYR A 521 -33.18 16.26 10.68
C TYR A 521 -33.20 16.78 9.24
N GLU A 522 -34.01 17.80 8.96
CA GLU A 522 -34.05 18.34 7.61
C GLU A 522 -32.88 19.26 7.31
N ASP A 523 -32.19 19.77 8.33
CA ASP A 523 -30.94 20.50 8.11
C ASP A 523 -29.81 19.55 7.76
N GLN A 524 -29.74 18.41 8.44
CA GLN A 524 -28.70 17.43 8.15
C GLN A 524 -28.89 16.81 6.77
N ASP A 525 -30.13 16.56 6.38
CA ASP A 525 -30.41 16.03 5.05
C ASP A 525 -29.98 17.01 3.96
N ALA A 526 -30.23 18.31 4.15
CA ALA A 526 -29.84 19.30 3.16
C ALA A 526 -28.32 19.38 3.04
N LEU A 527 -27.61 19.33 4.17
CA LEU A 527 -26.15 19.28 4.13
C LEU A 527 -25.66 18.05 3.39
N PHE A 528 -26.28 16.90 3.62
CA PHE A 528 -25.87 15.70 2.90
C PHE A 528 -26.12 15.82 1.40
N ALA A 529 -27.25 16.39 1.00
CA ALA A 529 -27.53 16.56 -0.42
C ALA A 529 -26.60 17.56 -1.07
N TYR A 530 -26.09 18.54 -0.31
CA TYR A 530 -25.18 19.54 -0.87
C TYR A 530 -23.84 18.94 -1.28
N THR A 531 -23.39 17.86 -0.64
CA THR A 531 -22.09 17.27 -0.91
C THR A 531 -22.11 16.30 -2.10
N LYS A 532 -23.25 16.12 -2.74
CA LYS A 532 -23.31 15.35 -3.97
C LYS A 532 -23.20 16.22 -5.22
N ARG A 533 -23.00 17.54 -5.05
CA ARG A 533 -22.80 18.45 -6.16
C ARG A 533 -21.67 19.45 -5.92
N ASN A 534 -21.00 19.39 -4.77
CA ASN A 534 -20.02 20.38 -4.35
C ASN A 534 -18.92 19.70 -3.55
N VAL A 535 -17.80 20.38 -3.39
CA VAL A 535 -16.68 19.92 -2.57
C VAL A 535 -16.53 20.86 -1.37
N ILE A 536 -16.43 20.28 -0.18
CA ILE A 536 -16.19 21.01 1.05
C ILE A 536 -14.87 20.53 1.65
N PRO A 537 -13.81 21.33 1.57
CA PRO A 537 -12.57 20.96 2.26
C PRO A 537 -12.60 21.36 3.73
N THR A 538 -11.95 20.55 4.57
CA THR A 538 -11.95 20.78 6.01
C THR A 538 -10.55 20.78 6.59
N ILE A 539 -10.45 20.93 7.91
CA ILE A 539 -9.17 21.00 8.63
C ILE A 539 -9.14 19.91 9.69
N THR A 540 -8.08 19.12 9.68
CA THR A 540 -7.86 18.06 10.67
C THR A 540 -6.85 18.54 11.70
N GLN A 541 -7.04 18.13 12.95
CA GLN A 541 -6.18 18.54 14.05
C GLN A 541 -5.40 17.36 14.61
N MET A 542 -4.18 17.60 15.08
CA MET A 542 -3.31 16.53 15.54
C MET A 542 -3.27 16.51 17.06
N ASN A 543 -3.46 15.34 17.65
CA ASN A 543 -3.55 15.21 19.10
C ASN A 543 -2.54 14.17 19.58
N LEU A 544 -1.89 14.48 20.71
CA LEU A 544 -0.92 13.58 21.33
C LEU A 544 -1.62 12.64 22.30
N LYS A 545 -1.29 11.36 22.22
CA LYS A 545 -1.90 10.35 23.07
C LYS A 545 -1.17 10.22 24.40
N TYR A 546 -1.93 9.83 25.43
CA TYR A 546 -1.43 9.68 26.80
C TYR A 546 -1.84 8.30 27.30
N ALA A 547 -1.00 7.30 27.07
CA ALA A 547 -1.35 5.92 27.37
C ALA A 547 -0.10 5.12 27.70
N ILE A 548 -0.31 3.88 28.11
CA ILE A 548 0.77 2.99 28.50
C ILE A 548 1.27 2.23 27.29
N SER A 549 2.58 2.03 27.18
CA SER A 549 3.16 1.35 26.03
C SER A 549 4.51 0.77 26.42
N ALA A 550 5.12 0.06 25.47
CA ALA A 550 6.38 -0.63 25.69
C ALA A 550 7.58 0.05 25.03
N LYS A 551 7.35 0.96 24.07
CA LYS A 551 8.42 1.71 23.43
C LYS A 551 8.17 3.20 23.58
N ASN A 552 9.25 3.96 23.48
CA ASN A 552 9.29 5.34 23.97
C ASN A 552 9.09 6.37 22.87
N ARG A 553 8.26 6.08 21.87
CA ARG A 553 7.94 7.00 20.81
C ARG A 553 6.54 7.59 21.02
N ALA A 554 6.43 8.89 20.81
CA ALA A 554 5.15 9.57 20.98
C ALA A 554 4.14 9.10 19.94
N ARG A 555 2.88 8.98 20.33
CA ARG A 555 1.82 8.53 19.46
C ARG A 555 0.80 9.65 19.28
N THR A 556 0.20 9.70 18.10
CA THR A 556 -0.68 10.79 17.71
C THR A 556 -1.93 10.23 17.04
N VAL A 557 -3.03 10.98 17.15
CA VAL A 557 -4.25 10.68 16.41
C VAL A 557 -4.72 11.94 15.70
N ALA A 558 -5.61 11.74 14.73
CA ALA A 558 -6.18 12.82 13.94
C ALA A 558 -7.62 13.05 14.35
N GLY A 559 -7.92 14.27 14.80
CA GLY A 559 -9.28 14.69 15.04
C GLY A 559 -9.86 15.35 13.81
N VAL A 560 -10.87 14.71 13.23
CA VAL A 560 -11.49 15.18 12.00
C VAL A 560 -12.69 16.06 12.34
N SER A 561 -13.06 16.91 11.38
CA SER A 561 -14.09 17.92 11.59
C SER A 561 -15.48 17.30 11.60
N ILE A 562 -16.41 17.94 12.33
CA ILE A 562 -17.76 17.42 12.48
C ILE A 562 -18.48 17.40 11.13
N CYS A 563 -18.19 18.37 10.27
CA CYS A 563 -18.85 18.41 8.96
C CYS A 563 -18.53 17.18 8.12
N SER A 564 -17.29 16.72 8.11
CA SER A 564 -16.90 15.51 7.41
C SER A 564 -17.57 14.27 8.00
N THR A 565 -17.51 14.14 9.33
CA THR A 565 -18.00 12.94 10.01
C THR A 565 -19.50 12.79 9.84
N MET A 566 -20.25 13.89 9.96
CA MET A 566 -21.70 13.82 9.90
C MET A 566 -22.16 13.23 8.56
N THR A 567 -21.56 13.66 7.46
CA THR A 567 -21.97 13.19 6.13
C THR A 567 -21.38 11.83 5.77
N ASN A 568 -20.16 11.53 6.22
CA ASN A 568 -19.64 10.20 5.98
C ASN A 568 -20.46 9.12 6.67
N ARG A 569 -20.99 9.41 7.87
CA ARG A 569 -21.85 8.42 8.52
C ARG A 569 -23.06 8.10 7.66
N GLN A 570 -23.76 9.13 7.16
CA GLN A 570 -24.92 8.91 6.32
C GLN A 570 -24.56 8.17 5.04
N PHE A 571 -23.33 8.29 4.56
CA PHE A 571 -22.98 7.58 3.33
C PHE A 571 -22.57 6.12 3.56
N HIS A 572 -21.94 5.80 4.70
CA HIS A 572 -21.29 4.50 4.87
C HIS A 572 -21.81 3.61 6.00
N GLN A 573 -22.66 4.11 6.91
CA GLN A 573 -22.93 3.37 8.13
C GLN A 573 -23.70 2.06 7.86
N LYS A 574 -24.60 2.06 6.89
CA LYS A 574 -25.39 0.86 6.65
C LYS A 574 -24.51 -0.32 6.28
N LEU A 575 -23.49 -0.08 5.46
CA LEU A 575 -22.55 -1.15 5.13
C LEU A 575 -21.67 -1.49 6.32
N LEU A 576 -21.17 -0.49 7.05
CA LEU A 576 -20.28 -0.81 8.17
C LEU A 576 -20.99 -1.66 9.21
N LYS A 577 -22.26 -1.38 9.49
CA LYS A 577 -23.01 -2.17 10.46
C LYS A 577 -23.24 -3.59 9.98
N SER A 578 -23.36 -3.77 8.67
CA SER A 578 -23.64 -5.09 8.11
C SER A 578 -22.43 -6.01 8.18
N ILE A 579 -21.22 -5.46 8.03
CA ILE A 579 -20.01 -6.25 8.17
C ILE A 579 -19.81 -6.71 9.60
N ALA A 580 -20.10 -5.85 10.56
CA ALA A 580 -19.90 -6.13 11.97
C ALA A 580 -20.92 -7.10 12.55
N ALA A 581 -21.98 -7.43 11.82
CA ALA A 581 -23.02 -8.32 12.32
C ALA A 581 -22.89 -9.74 11.77
N THR A 582 -21.88 -10.01 10.97
CA THR A 582 -21.74 -11.28 10.25
C THR A 582 -20.73 -12.18 10.95
N ARG A 583 -21.02 -13.47 10.96
CA ARG A 583 -20.15 -14.48 11.54
C ARG A 583 -19.76 -15.49 10.47
N GLY A 584 -18.51 -15.93 10.50
CA GLY A 584 -18.02 -16.94 9.58
C GLY A 584 -17.41 -16.42 8.29
N ALA A 585 -17.10 -15.13 8.21
CA ALA A 585 -16.54 -14.52 7.01
C ALA A 585 -15.04 -14.30 7.17
N THR A 586 -14.44 -13.65 6.18
CA THR A 586 -13.00 -13.37 6.23
C THR A 586 -12.68 -12.21 7.15
N VAL A 587 -13.43 -11.12 7.05
CA VAL A 587 -13.24 -9.98 7.94
C VAL A 587 -14.01 -10.24 9.24
N VAL A 588 -13.31 -10.14 10.37
CA VAL A 588 -13.86 -10.58 11.66
C VAL A 588 -14.04 -9.40 12.60
N ILE A 589 -14.31 -8.22 12.06
CA ILE A 589 -14.71 -7.10 12.89
C ILE A 589 -16.12 -7.36 13.41
N GLY A 590 -16.31 -7.23 14.74
CA GLY A 590 -17.58 -7.41 15.38
C GLY A 590 -17.70 -8.68 16.20
N THR A 591 -16.83 -9.65 15.95
CA THR A 591 -16.87 -10.91 16.70
C THR A 591 -16.11 -10.76 18.02
N SER A 592 -16.73 -11.24 19.10
CA SER A 592 -16.10 -11.20 20.41
C SER A 592 -15.33 -12.50 20.67
N LYS A 593 -14.32 -12.41 21.53
CA LYS A 593 -13.51 -13.55 21.90
C LYS A 593 -14.09 -14.34 23.06
N PHE A 594 -15.14 -13.85 23.69
CA PHE A 594 -15.69 -14.48 24.87
C PHE A 594 -16.75 -15.51 24.48
N TYR A 595 -17.07 -16.38 25.43
CA TYR A 595 -18.14 -17.36 25.29
C TYR A 595 -17.91 -18.28 24.10
N GLY A 596 -16.65 -18.61 23.82
CA GLY A 596 -16.31 -19.53 22.76
C GLY A 596 -15.99 -18.89 21.42
N GLY A 597 -15.88 -17.57 21.35
CA GLY A 597 -15.63 -16.91 20.07
C GLY A 597 -14.27 -17.18 19.48
N TRP A 598 -13.22 -17.19 20.31
CA TRP A 598 -11.87 -17.43 19.85
C TRP A 598 -11.74 -18.80 19.19
N HIS A 599 -12.32 -19.82 19.82
CA HIS A 599 -12.35 -21.17 19.25
C HIS A 599 -13.06 -21.19 17.90
N ASN A 600 -14.22 -20.55 17.80
CA ASN A 600 -14.97 -20.54 16.54
C ASN A 600 -14.17 -19.88 15.42
N MET A 601 -13.53 -18.74 15.71
CA MET A 601 -12.74 -18.07 14.71
C MET A 601 -11.59 -18.95 14.23
N LEU A 602 -10.91 -19.62 15.16
CA LEU A 602 -9.79 -20.48 14.75
C LEU A 602 -10.27 -21.66 13.92
N LYS A 603 -11.40 -22.27 14.28
CA LYS A 603 -11.88 -23.40 13.49
C LYS A 603 -12.36 -22.96 12.11
N THR A 604 -12.92 -21.76 12.00
CA THR A 604 -13.31 -21.25 10.70
C THR A 604 -12.09 -20.99 9.81
N VAL A 605 -11.02 -20.43 10.38
CA VAL A 605 -9.85 -20.16 9.53
C VAL A 605 -9.11 -21.44 9.16
N TYR A 606 -9.10 -22.46 10.03
CA TYR A 606 -8.47 -23.71 9.61
C TYR A 606 -9.20 -24.33 8.43
N SER A 607 -10.52 -24.17 8.34
CA SER A 607 -11.30 -24.62 7.20
C SER A 607 -10.96 -26.07 6.85
N ASP A 608 -10.57 -26.34 5.60
CA ASP A 608 -10.11 -27.66 5.20
C ASP A 608 -8.89 -27.56 4.30
N VAL A 609 -7.86 -26.85 4.75
CA VAL A 609 -6.61 -26.79 4.03
C VAL A 609 -5.88 -28.13 4.16
N GLU A 610 -5.04 -28.45 3.16
CA GLU A 610 -4.58 -29.82 2.96
C GLU A 610 -3.28 -30.14 3.68
N ASN A 611 -2.28 -29.27 3.62
CA ASN A 611 -1.01 -29.46 4.33
C ASN A 611 -0.76 -28.22 5.17
N PRO A 612 -1.61 -27.97 6.16
CA PRO A 612 -1.75 -26.61 6.69
C PRO A 612 -0.54 -26.14 7.48
N HIS A 613 -0.12 -24.91 7.21
CA HIS A 613 0.77 -24.14 8.07
C HIS A 613 0.09 -22.80 8.36
N LEU A 614 0.56 -22.11 9.40
CA LEU A 614 0.04 -20.80 9.79
C LEU A 614 1.12 -19.74 9.62
N MET A 615 0.69 -18.52 9.28
CA MET A 615 1.61 -17.46 8.91
C MET A 615 1.07 -16.10 9.32
N GLY A 616 1.97 -15.22 9.75
CA GLY A 616 1.62 -13.84 10.04
C GLY A 616 2.74 -12.90 9.68
N TRP A 617 2.39 -11.70 9.21
CA TRP A 617 3.36 -10.73 8.72
C TRP A 617 3.12 -9.32 9.27
N ASP A 618 3.90 -8.35 8.79
CA ASP A 618 3.98 -7.02 9.38
C ASP A 618 3.99 -5.95 8.30
N TYR A 619 3.39 -4.79 8.60
CA TYR A 619 3.42 -3.63 7.71
C TYR A 619 4.19 -2.50 8.37
N PRO A 620 5.41 -2.16 7.91
CA PRO A 620 6.12 -1.01 8.48
C PRO A 620 5.44 0.32 8.15
N LYS A 621 5.33 1.20 9.15
CA LYS A 621 4.79 2.54 8.97
C LYS A 621 3.48 2.53 8.18
N CYS A 622 2.52 1.75 8.67
CA CYS A 622 1.39 1.39 7.82
C CYS A 622 0.64 2.61 7.31
N ASP A 623 0.30 3.55 8.19
CA ASP A 623 -0.57 4.65 7.81
C ASP A 623 0.19 5.85 7.25
N ARG A 624 1.50 5.94 7.44
CA ARG A 624 2.26 7.04 6.88
C ARG A 624 2.79 6.73 5.50
N ALA A 625 2.73 5.48 5.06
CA ALA A 625 3.38 5.05 3.84
C ALA A 625 2.42 4.47 2.81
N MET A 626 1.13 4.50 3.06
CA MET A 626 0.17 3.91 2.13
C MET A 626 0.08 4.78 0.87
N PRO A 627 0.31 4.23 -0.32
CA PRO A 627 0.19 5.04 -1.53
C PRO A 627 -1.23 5.52 -1.77
N ASN A 628 -1.33 6.67 -2.43
CA ASN A 628 -2.63 7.30 -2.64
C ASN A 628 -3.53 6.47 -3.55
N MET A 629 -2.94 5.70 -4.47
CA MET A 629 -3.76 4.95 -5.41
C MET A 629 -4.52 3.83 -4.73
N LEU A 630 -4.03 3.34 -3.59
CA LEU A 630 -4.70 2.23 -2.91
C LEU A 630 -5.77 2.73 -1.94
N ARG A 631 -5.61 3.92 -1.38
CA ARG A 631 -6.68 4.54 -0.60
C ARG A 631 -7.88 4.91 -1.49
N ILE A 632 -7.61 5.43 -2.68
CA ILE A 632 -8.69 5.70 -3.64
C ILE A 632 -9.43 4.42 -3.96
N MET A 633 -8.68 3.35 -4.24
CA MET A 633 -9.29 2.08 -4.58
C MET A 633 -10.11 1.53 -3.42
N ALA A 634 -9.62 1.69 -2.19
CA ALA A 634 -10.39 1.24 -1.05
C ALA A 634 -11.71 1.98 -0.94
N SER A 635 -11.70 3.30 -1.20
CA SER A 635 -12.94 4.06 -1.20
C SER A 635 -13.90 3.59 -2.30
N LEU A 636 -13.37 3.24 -3.47
CA LEU A 636 -14.26 2.83 -4.57
C LEU A 636 -14.94 1.50 -4.30
N VAL A 637 -14.29 0.61 -3.54
CA VAL A 637 -14.89 -0.70 -3.27
C VAL A 637 -16.06 -0.58 -2.30
N LEU A 638 -15.96 0.32 -1.32
CA LEU A 638 -17.03 0.48 -0.34
C LEU A 638 -18.25 1.14 -0.98
N ALA A 639 -18.05 1.92 -2.04
CA ALA A 639 -19.13 2.67 -2.68
C ALA A 639 -19.84 1.89 -3.77
N ARG A 640 -19.47 0.63 -4.01
CA ARG A 640 -20.11 -0.17 -5.03
C ARG A 640 -21.48 -0.68 -4.61
N LYS A 641 -21.90 -0.42 -3.38
CA LYS A 641 -23.22 -0.74 -2.89
C LYS A 641 -24.27 0.30 -3.24
N HIS A 642 -23.87 1.39 -3.90
CA HIS A 642 -24.74 2.54 -4.18
C HIS A 642 -25.27 2.53 -5.60
N THR A 643 -25.52 1.35 -6.17
CA THR A 643 -25.92 1.24 -7.57
C THR A 643 -27.34 1.72 -7.82
N THR A 644 -28.20 1.76 -6.82
CA THR A 644 -29.59 2.20 -6.99
C THR A 644 -29.89 3.53 -6.32
N CYS A 645 -29.15 3.92 -5.30
CA CYS A 645 -29.46 5.13 -4.54
C CYS A 645 -28.74 6.37 -5.05
N CYS A 646 -27.67 6.21 -5.84
CA CYS A 646 -26.86 7.33 -6.28
C CYS A 646 -26.61 7.23 -7.77
N SER A 647 -26.36 8.39 -8.38
CA SER A 647 -26.03 8.49 -9.79
C SER A 647 -24.51 8.44 -9.95
N LEU A 648 -24.04 8.38 -11.19
CA LEU A 648 -22.61 8.40 -11.46
C LEU A 648 -21.96 9.70 -10.99
N SER A 649 -22.57 10.84 -11.28
CA SER A 649 -22.05 12.13 -10.85
C SER A 649 -22.07 12.26 -9.32
N HIS A 650 -23.14 11.82 -8.68
CA HIS A 650 -23.21 11.83 -7.23
C HIS A 650 -22.06 11.05 -6.61
N ARG A 651 -21.78 9.86 -7.16
CA ARG A 651 -20.70 9.04 -6.66
C ARG A 651 -19.35 9.71 -6.88
N PHE A 652 -19.15 10.35 -8.03
CA PHE A 652 -17.90 11.07 -8.23
C PHE A 652 -17.70 12.16 -7.19
N TYR A 653 -18.73 12.94 -6.91
CA TYR A 653 -18.56 14.05 -5.97
C TYR A 653 -18.36 13.55 -4.55
N ARG A 654 -18.98 12.43 -4.18
CA ARG A 654 -18.69 11.84 -2.87
C ARG A 654 -17.22 11.42 -2.77
N LEU A 655 -16.68 10.80 -3.82
CA LEU A 655 -15.26 10.44 -3.82
C LEU A 655 -14.36 11.67 -3.69
N ALA A 656 -14.68 12.73 -4.43
CA ALA A 656 -13.87 13.95 -4.35
C ALA A 656 -13.91 14.56 -2.96
N ASN A 657 -15.09 14.58 -2.33
CA ASN A 657 -15.17 15.07 -0.95
C ASN A 657 -14.30 14.25 -0.01
N GLU A 658 -14.35 12.92 -0.13
CA GLU A 658 -13.53 12.10 0.75
C GLU A 658 -12.04 12.40 0.58
N CYS A 659 -11.59 12.52 -0.67
CA CYS A 659 -10.18 12.84 -0.90
C CYS A 659 -9.80 14.18 -0.33
N ALA A 660 -10.65 15.20 -0.50
CA ALA A 660 -10.31 16.52 -0.01
C ALA A 660 -10.43 16.65 1.50
N GLN A 661 -11.07 15.68 2.16
CA GLN A 661 -11.26 15.76 3.61
C GLN A 661 -10.32 14.89 4.40
N VAL A 662 -9.93 13.71 3.91
CA VAL A 662 -9.14 12.80 4.76
C VAL A 662 -7.94 12.19 4.05
N LEU A 663 -7.58 12.70 2.87
CA LEU A 663 -6.43 12.17 2.14
C LEU A 663 -5.32 13.17 1.97
N SER A 664 -5.62 14.40 1.59
CA SER A 664 -4.60 15.43 1.42
C SER A 664 -5.25 16.77 1.75
N GLU A 665 -5.32 17.09 3.03
CA GLU A 665 -6.04 18.26 3.49
C GLU A 665 -5.11 19.07 4.39
N MET A 666 -5.61 20.21 4.83
CA MET A 666 -4.86 21.04 5.78
C MET A 666 -4.90 20.41 7.16
N VAL A 667 -3.75 20.35 7.82
CA VAL A 667 -3.67 19.89 9.19
C VAL A 667 -3.16 21.03 10.06
N MET A 668 -3.74 21.14 11.25
CA MET A 668 -3.32 22.10 12.26
C MET A 668 -2.47 21.35 13.28
N CYS A 669 -1.18 21.62 13.28
CA CYS A 669 -0.24 21.08 14.26
C CYS A 669 0.40 22.23 15.02
N GLY A 670 0.14 22.30 16.32
CA GLY A 670 0.50 23.46 17.09
C GLY A 670 -0.56 24.53 16.91
N GLY A 671 -0.20 25.62 16.25
CA GLY A 671 -1.16 26.63 15.86
C GLY A 671 -0.97 27.06 14.42
N SER A 672 -0.39 26.17 13.61
CA SER A 672 -0.03 26.50 12.24
C SER A 672 -0.67 25.48 11.30
N LEU A 673 -0.75 25.85 10.03
CA LEU A 673 -1.36 25.01 9.00
C LEU A 673 -0.28 24.39 8.12
N TYR A 674 -0.42 23.10 7.84
CA TYR A 674 0.49 22.38 6.96
C TYR A 674 -0.32 21.56 5.96
N VAL A 675 0.33 21.17 4.88
CA VAL A 675 -0.27 20.37 3.82
C VAL A 675 0.12 18.92 4.02
N LYS A 676 -0.86 18.03 3.97
CA LYS A 676 -0.59 16.61 4.11
C LYS A 676 -0.34 15.98 2.74
N PRO A 677 0.80 15.31 2.53
CA PRO A 677 1.07 14.73 1.21
C PRO A 677 0.18 13.58 0.83
N GLY A 678 -0.28 12.81 1.81
CA GLY A 678 -1.04 11.61 1.53
C GLY A 678 -1.03 10.69 2.71
N GLY A 679 -1.36 9.43 2.45
CA GLY A 679 -1.51 8.45 3.51
C GLY A 679 -2.92 8.45 4.06
N THR A 680 -3.14 7.60 5.05
CA THR A 680 -4.44 7.50 5.71
C THR A 680 -4.46 8.37 6.96
N SER A 681 -5.65 8.81 7.31
CA SER A 681 -5.90 9.63 8.49
C SER A 681 -6.65 8.74 9.49
N SER A 682 -5.95 8.25 10.50
CA SER A 682 -6.59 7.38 11.48
C SER A 682 -7.45 8.22 12.41
N GLY A 683 -8.77 8.14 12.23
CA GLY A 683 -9.69 9.03 12.90
C GLY A 683 -10.83 9.44 12.02
N ASP A 684 -10.85 9.01 10.77
CA ASP A 684 -12.01 9.20 9.91
C ASP A 684 -12.99 8.06 10.14
N ALA A 685 -14.16 8.14 9.51
CA ALA A 685 -15.30 7.32 9.91
C ALA A 685 -15.25 5.89 9.37
N THR A 686 -14.25 5.54 8.56
CA THR A 686 -14.21 4.24 7.92
C THR A 686 -12.80 3.65 7.97
N THR A 687 -12.12 3.83 9.11
CA THR A 687 -10.70 3.51 9.19
C THR A 687 -10.42 2.01 9.13
N ALA A 688 -10.97 1.24 10.07
CA ALA A 688 -10.65 -0.18 10.18
C ALA A 688 -11.11 -0.96 8.96
N TYR A 689 -12.25 -0.59 8.39
CA TYR A 689 -12.78 -1.28 7.22
C TYR A 689 -11.93 -1.00 5.98
N ALA A 690 -11.48 0.24 5.81
CA ALA A 690 -10.58 0.57 4.72
C ALA A 690 -9.24 -0.15 4.88
N ASN A 691 -8.73 -0.26 6.11
CA ASN A 691 -7.52 -1.02 6.35
C ASN A 691 -7.70 -2.48 5.97
N SER A 692 -8.88 -3.04 6.23
CA SER A 692 -9.16 -4.41 5.83
C SER A 692 -9.13 -4.57 4.31
N VAL A 693 -9.74 -3.64 3.58
CA VAL A 693 -9.72 -3.70 2.11
C VAL A 693 -8.28 -3.67 1.61
N PHE A 694 -7.47 -2.76 2.17
CA PHE A 694 -6.07 -2.63 1.76
C PHE A 694 -5.27 -3.92 2.02
N ASN A 695 -5.46 -4.53 3.19
CA ASN A 695 -4.76 -5.74 3.54
C ASN A 695 -5.09 -6.89 2.58
N ILE A 696 -6.38 -7.08 2.29
CA ILE A 696 -6.78 -8.12 1.35
C ILE A 696 -6.17 -7.86 -0.03
N CYS A 697 -6.15 -6.59 -0.45
CA CYS A 697 -5.57 -6.27 -1.75
C CYS A 697 -4.11 -6.69 -1.85
N GLN A 698 -3.30 -6.39 -0.82
CA GLN A 698 -1.88 -6.75 -0.87
C GLN A 698 -1.71 -8.28 -0.89
N ALA A 699 -2.52 -9.01 -0.13
CA ALA A 699 -2.40 -10.47 -0.15
C ALA A 699 -2.72 -11.04 -1.52
N VAL A 700 -3.78 -10.55 -2.17
CA VAL A 700 -4.15 -11.05 -3.48
C VAL A 700 -3.03 -10.76 -4.49
N THR A 701 -2.45 -9.56 -4.44
CA THR A 701 -1.40 -9.27 -5.40
C THR A 701 -0.15 -10.11 -5.16
N ALA A 702 0.16 -10.46 -3.91
CA ALA A 702 1.28 -11.36 -3.67
C ALA A 702 1.04 -12.74 -4.27
N ASN A 703 -0.18 -13.27 -4.16
CA ASN A 703 -0.48 -14.56 -4.79
C ASN A 703 -0.39 -14.49 -6.31
N VAL A 704 -0.89 -13.40 -6.90
CA VAL A 704 -0.83 -13.26 -8.36
C VAL A 704 0.62 -13.17 -8.82
N ASN A 705 1.47 -12.47 -8.07
CA ASN A 705 2.87 -12.36 -8.46
C ASN A 705 3.62 -13.67 -8.24
N ALA A 706 3.26 -14.43 -7.21
CA ALA A 706 3.86 -15.74 -7.02
C ALA A 706 3.57 -16.66 -8.20
N LEU A 707 2.31 -16.74 -8.63
CA LEU A 707 1.95 -17.73 -9.63
C LEU A 707 2.56 -17.44 -11.01
N LEU A 708 2.65 -16.17 -11.39
CA LEU A 708 3.11 -15.82 -12.74
C LEU A 708 4.62 -15.83 -12.91
N SER A 709 5.39 -15.83 -11.82
CA SER A 709 6.85 -15.81 -11.88
C SER A 709 7.43 -17.21 -11.74
N THR A 710 6.62 -18.22 -11.99
CA THR A 710 7.01 -19.61 -11.87
C THR A 710 7.17 -20.19 -13.27
N ASP A 711 8.25 -20.94 -13.48
CA ASP A 711 8.45 -21.63 -14.75
C ASP A 711 7.34 -22.65 -14.95
N GLY A 712 6.49 -22.43 -15.95
CA GLY A 712 5.36 -23.30 -16.19
C GLY A 712 5.68 -24.60 -16.89
N ASN A 713 6.90 -24.75 -17.40
CA ASN A 713 7.33 -26.02 -17.96
C ASN A 713 7.62 -27.06 -16.88
N LYS A 714 7.61 -26.66 -15.62
CA LYS A 714 7.93 -27.54 -14.50
C LYS A 714 6.76 -27.79 -13.57
N ILE A 715 5.59 -27.20 -13.84
CA ILE A 715 4.39 -27.47 -13.06
C ILE A 715 3.84 -28.81 -13.52
N ALA A 716 3.76 -29.77 -12.60
CA ALA A 716 3.33 -31.12 -12.97
C ALA A 716 1.83 -31.18 -13.21
N ASP A 717 1.04 -30.59 -12.32
CA ASP A 717 -0.40 -30.65 -12.43
C ASP A 717 -0.87 -29.81 -13.62
N LYS A 718 -1.63 -30.44 -14.53
CA LYS A 718 -2.03 -29.72 -15.73
C LYS A 718 -3.20 -28.78 -15.46
N TYR A 719 -3.91 -28.94 -14.35
CA TYR A 719 -4.96 -27.99 -14.00
C TYR A 719 -4.37 -26.68 -13.54
N VAL A 720 -3.28 -26.72 -12.78
CA VAL A 720 -2.66 -25.50 -12.28
C VAL A 720 -1.89 -24.79 -13.40
N ARG A 721 -1.50 -25.53 -14.43
CA ARG A 721 -0.82 -24.92 -15.56
C ARG A 721 -1.81 -24.20 -16.47
N ASN A 722 -3.01 -24.76 -16.63
CA ASN A 722 -4.04 -24.06 -17.39
C ASN A 722 -4.50 -22.81 -16.66
N LEU A 723 -4.45 -22.81 -15.33
CA LEU A 723 -4.83 -21.63 -14.57
C LEU A 723 -3.81 -20.52 -14.73
N GLN A 724 -2.52 -20.87 -14.86
CA GLN A 724 -1.48 -19.87 -15.06
C GLN A 724 -1.58 -19.24 -16.45
N HIS A 725 -1.95 -20.04 -17.44
CA HIS A 725 -2.12 -19.54 -18.80
C HIS A 725 -3.27 -18.54 -18.88
N ARG A 726 -4.34 -18.81 -18.14
CA ARG A 726 -5.52 -17.94 -18.18
C ARG A 726 -5.34 -16.66 -17.38
N LEU A 727 -4.53 -16.68 -16.33
CA LEU A 727 -4.25 -15.48 -15.56
C LEU A 727 -3.53 -14.44 -16.42
N TYR A 728 -2.56 -14.88 -17.22
CA TYR A 728 -1.81 -13.96 -18.08
C TYR A 728 -2.73 -13.28 -19.10
N GLU A 729 -3.62 -14.06 -19.72
CA GLU A 729 -4.55 -13.48 -20.70
C GLU A 729 -5.50 -12.49 -20.04
N CYS A 730 -5.99 -12.80 -18.86
CA CYS A 730 -6.93 -11.90 -18.20
C CYS A 730 -6.25 -10.64 -17.70
N LEU A 731 -4.94 -10.66 -17.52
CA LEU A 731 -4.25 -9.42 -17.17
C LEU A 731 -3.89 -8.60 -18.40
N TYR A 732 -3.18 -9.19 -19.35
CA TYR A 732 -2.51 -8.40 -20.38
C TYR A 732 -3.06 -8.62 -21.79
N ARG A 733 -4.16 -9.34 -21.95
CA ARG A 733 -4.71 -9.56 -23.28
C ARG A 733 -6.21 -9.29 -23.34
N ASN A 734 -6.88 -9.18 -22.20
CA ASN A 734 -8.32 -8.96 -22.16
C ASN A 734 -8.58 -7.59 -21.56
N ARG A 735 -9.56 -6.88 -22.13
CA ARG A 735 -9.84 -5.51 -21.73
C ARG A 735 -11.08 -5.40 -20.83
N ASP A 736 -11.99 -6.35 -20.93
CA ASP A 736 -13.20 -6.37 -20.11
C ASP A 736 -13.14 -7.51 -19.11
N VAL A 737 -14.01 -7.43 -18.10
CA VAL A 737 -14.02 -8.41 -17.03
C VAL A 737 -14.50 -9.76 -17.56
N ASP A 738 -13.87 -10.83 -17.08
CA ASP A 738 -14.25 -12.20 -17.38
C ASP A 738 -14.74 -12.81 -16.08
N THR A 739 -16.07 -12.90 -15.91
CA THR A 739 -16.64 -13.25 -14.63
C THR A 739 -16.48 -14.74 -14.31
N ASP A 740 -16.36 -15.60 -15.33
CA ASP A 740 -16.16 -17.01 -15.07
C ASP A 740 -14.77 -17.28 -14.48
N PHE A 741 -13.76 -16.55 -14.94
CA PHE A 741 -12.42 -16.78 -14.41
C PHE A 741 -12.21 -16.09 -13.07
N VAL A 742 -12.94 -15.00 -12.79
CA VAL A 742 -12.80 -14.36 -11.49
C VAL A 742 -13.36 -15.26 -10.39
N ASN A 743 -14.46 -15.96 -10.69
CA ASN A 743 -15.01 -16.92 -9.73
C ASN A 743 -14.04 -18.08 -9.51
N GLU A 744 -13.41 -18.55 -10.58
CA GLU A 744 -12.54 -19.72 -10.51
C GLU A 744 -11.28 -19.42 -9.71
N PHE A 745 -10.67 -18.26 -9.94
CA PHE A 745 -9.48 -17.88 -9.21
C PHE A 745 -9.81 -17.60 -7.74
N TYR A 746 -11.00 -17.07 -7.47
CA TYR A 746 -11.41 -16.78 -6.10
C TYR A 746 -11.65 -18.06 -5.30
N ALA A 747 -12.24 -19.08 -5.93
CA ALA A 747 -12.40 -20.36 -5.25
C ALA A 747 -11.06 -21.02 -4.97
N TYR A 748 -10.15 -20.99 -5.94
CA TYR A 748 -8.81 -21.55 -5.75
C TYR A 748 -8.10 -20.90 -4.56
N LEU A 749 -8.32 -19.62 -4.35
CA LEU A 749 -7.68 -18.94 -3.24
C LEU A 749 -8.31 -19.33 -1.92
N ARG A 750 -9.59 -19.69 -1.93
CA ARG A 750 -10.26 -20.00 -0.67
C ARG A 750 -10.02 -21.43 -0.25
N LYS A 751 -9.39 -22.23 -1.11
CA LYS A 751 -9.09 -23.60 -0.75
C LYS A 751 -7.65 -23.78 -0.27
N HIS A 752 -6.73 -22.97 -0.77
CA HIS A 752 -5.31 -23.15 -0.52
C HIS A 752 -4.68 -22.00 0.26
N PHE A 753 -5.41 -20.92 0.51
CA PHE A 753 -4.86 -19.71 1.13
C PHE A 753 -6.00 -19.02 1.87
N SER A 754 -6.22 -19.41 3.12
CA SER A 754 -7.40 -19.03 3.88
C SER A 754 -7.05 -17.99 4.93
N MET A 755 -7.76 -16.87 4.94
CA MET A 755 -7.35 -15.68 5.67
C MET A 755 -8.32 -15.32 6.79
N MET A 756 -7.78 -14.65 7.81
CA MET A 756 -8.54 -14.03 8.88
C MET A 756 -8.00 -12.62 9.09
N ILE A 757 -8.84 -11.61 8.87
CA ILE A 757 -8.42 -10.22 8.66
C ILE A 757 -9.10 -9.34 9.70
N LEU A 758 -8.34 -8.43 10.31
CA LEU A 758 -8.89 -7.40 11.20
C LEU A 758 -8.01 -6.16 11.09
N SER A 759 -8.38 -5.25 10.17
CA SER A 759 -7.87 -3.88 10.12
C SER A 759 -6.43 -3.48 10.42
N ASP A 760 -5.50 -4.04 9.66
CA ASP A 760 -4.22 -4.55 9.15
C ASP A 760 -3.58 -5.42 10.22
N ASP A 761 -4.30 -6.41 10.74
CA ASP A 761 -3.78 -7.60 11.40
C ASP A 761 -4.33 -8.82 10.66
N ALA A 762 -3.53 -9.88 10.55
CA ALA A 762 -3.96 -11.02 9.75
C ALA A 762 -3.34 -12.32 10.23
N VAL A 763 -4.06 -13.41 9.99
CA VAL A 763 -3.56 -14.78 10.14
C VAL A 763 -3.92 -15.54 8.87
N VAL A 764 -2.98 -16.34 8.36
CA VAL A 764 -3.23 -17.13 7.16
C VAL A 764 -2.94 -18.60 7.42
N CYS A 765 -3.83 -19.46 6.94
CA CYS A 765 -3.62 -20.91 6.91
C CYS A 765 -3.43 -21.30 5.44
N PHE A 766 -2.29 -21.91 5.12
CA PHE A 766 -1.93 -22.15 3.74
C PHE A 766 -1.39 -23.55 3.52
N ASN A 767 -1.56 -24.03 2.29
CA ASN A 767 -1.04 -25.33 1.87
C ASN A 767 0.47 -25.26 1.69
N SER A 768 1.19 -26.06 2.46
CA SER A 768 2.64 -25.92 2.54
C SER A 768 3.35 -26.49 1.31
N THR A 769 2.79 -27.54 0.71
CA THR A 769 3.44 -28.15 -0.44
C THR A 769 3.25 -27.31 -1.70
N TYR A 770 2.16 -26.56 -1.80
CA TYR A 770 1.97 -25.65 -2.93
C TYR A 770 2.90 -24.45 -2.83
N ALA A 771 3.19 -23.99 -1.62
CA ALA A 771 4.05 -22.81 -1.46
C ALA A 771 5.50 -23.14 -1.77
N SER A 772 5.93 -24.36 -1.49
CA SER A 772 7.31 -24.74 -1.81
C SER A 772 7.52 -24.84 -3.32
N GLN A 773 6.44 -25.12 -4.06
CA GLN A 773 6.52 -25.19 -5.51
C GLN A 773 6.20 -23.86 -6.20
N GLY A 774 5.93 -22.81 -5.44
CA GLY A 774 5.65 -21.50 -6.01
C GLY A 774 4.23 -21.26 -6.44
N LEU A 775 3.31 -22.16 -6.12
CA LEU A 775 1.92 -22.04 -6.55
C LEU A 775 1.08 -21.18 -5.62
N VAL A 776 1.61 -20.79 -4.46
CA VAL A 776 0.90 -19.98 -3.49
C VAL A 776 1.93 -19.06 -2.85
N ALA A 777 1.46 -17.92 -2.34
CA ALA A 777 2.36 -16.88 -1.84
C ALA A 777 3.08 -17.32 -0.56
N SER A 778 4.26 -16.72 -0.34
CA SER A 778 5.05 -16.92 0.86
C SER A 778 5.48 -15.59 1.47
N ILE A 779 6.35 -15.63 2.48
CA ILE A 779 6.81 -14.40 3.13
C ILE A 779 7.71 -13.61 2.19
N LYS A 780 8.43 -14.29 1.30
CA LYS A 780 9.31 -13.59 0.37
C LYS A 780 8.51 -12.82 -0.68
N ASN A 781 7.37 -13.36 -1.11
CA ASN A 781 6.50 -12.67 -2.05
C ASN A 781 5.91 -11.40 -1.44
N PHE A 782 5.50 -11.46 -0.17
CA PHE A 782 5.05 -10.26 0.53
C PHE A 782 6.15 -9.22 0.60
N LYS A 783 7.38 -9.66 0.89
CA LYS A 783 8.50 -8.72 0.96
C LYS A 783 8.75 -8.05 -0.38
N SER A 784 8.68 -8.81 -1.47
CA SER A 784 8.85 -8.21 -2.78
C SER A 784 7.73 -7.21 -3.09
N VAL A 785 6.49 -7.58 -2.77
CA VAL A 785 5.36 -6.72 -3.10
C VAL A 785 5.43 -5.41 -2.33
N LEU A 786 5.87 -5.46 -1.06
CA LEU A 786 5.90 -4.24 -0.27
C LEU A 786 7.03 -3.30 -0.71
N TYR A 787 8.03 -3.83 -1.40
CA TYR A 787 9.17 -3.02 -1.81
C TYR A 787 8.83 -2.09 -2.97
N TYR A 788 8.15 -2.62 -4.00
CA TYR A 788 7.87 -1.81 -5.18
C TYR A 788 6.47 -1.21 -5.16
N GLN A 789 5.55 -1.73 -4.36
CA GLN A 789 4.20 -1.18 -4.30
C GLN A 789 3.89 -0.48 -2.99
N ASN A 790 4.84 -0.39 -2.05
CA ASN A 790 4.60 0.28 -0.78
C ASN A 790 5.76 1.15 -0.33
N ASN A 791 6.95 1.00 -0.90
CA ASN A 791 8.12 1.83 -0.57
C ASN A 791 8.63 1.58 0.84
N VAL A 792 8.60 0.33 1.31
CA VAL A 792 9.18 -0.05 2.59
C VAL A 792 9.95 -1.34 2.43
N PHE A 793 10.79 -1.63 3.42
CA PHE A 793 11.47 -2.92 3.53
C PHE A 793 10.95 -3.64 4.75
N MET A 794 10.48 -4.87 4.56
CA MET A 794 9.90 -5.69 5.62
C MET A 794 10.96 -6.67 6.07
N SER A 795 11.41 -6.51 7.31
CA SER A 795 12.33 -7.47 7.89
C SER A 795 11.59 -8.70 8.38
N GLU A 796 12.07 -9.87 7.99
CA GLU A 796 11.41 -11.12 8.32
C GLU A 796 11.59 -11.54 9.78
N ALA A 797 12.08 -10.65 10.63
CA ALA A 797 12.12 -10.88 12.07
C ALA A 797 10.82 -10.46 12.76
N LYS A 798 9.94 -9.77 12.05
CA LYS A 798 8.63 -9.39 12.57
C LYS A 798 7.51 -10.28 12.04
N CYS A 799 7.87 -11.33 11.31
CA CYS A 799 6.93 -12.27 10.75
C CYS A 799 7.12 -13.62 11.44
N TRP A 800 6.07 -14.42 11.48
CA TRP A 800 6.13 -15.73 12.13
C TRP A 800 5.47 -16.79 11.27
N THR A 801 5.95 -18.02 11.43
CA THR A 801 5.38 -19.21 10.80
C THR A 801 5.23 -20.28 11.87
N GLU A 802 4.17 -21.07 11.76
CA GLU A 802 3.90 -22.16 12.70
C GLU A 802 3.52 -23.40 11.91
N THR A 803 4.22 -24.51 12.19
CA THR A 803 3.99 -25.78 11.49
C THR A 803 3.13 -26.76 12.28
N ASP A 804 2.69 -26.39 13.48
CA ASP A 804 1.86 -27.25 14.33
C ASP A 804 0.55 -26.53 14.61
N LEU A 805 -0.55 -27.14 14.20
CA LEU A 805 -1.86 -26.51 14.37
C LEU A 805 -2.45 -26.70 15.75
N THR A 806 -1.94 -27.65 16.55
CA THR A 806 -2.41 -27.78 17.92
C THR A 806 -1.93 -26.63 18.80
N LYS A 807 -1.01 -25.82 18.30
CA LYS A 807 -0.70 -24.51 18.88
C LYS A 807 -1.26 -23.46 17.95
N GLY A 808 -2.04 -22.54 18.48
CA GLY A 808 -2.68 -21.56 17.65
C GLY A 808 -1.68 -20.49 17.24
N PRO A 809 -2.11 -19.53 16.43
CA PRO A 809 -1.16 -18.57 15.89
C PRO A 809 -0.25 -18.03 16.99
N HIS A 810 0.94 -17.58 16.58
CA HIS A 810 1.86 -17.00 17.54
C HIS A 810 1.31 -15.73 18.16
N GLU A 811 0.68 -14.87 17.36
CA GLU A 811 0.13 -13.63 17.88
C GLU A 811 -1.02 -13.18 16.99
N PHE A 812 -2.11 -12.71 17.60
CA PHE A 812 -3.21 -12.07 16.89
C PHE A 812 -3.88 -11.10 17.85
N CYS A 813 -3.84 -9.82 17.52
CA CYS A 813 -4.41 -8.77 18.37
C CYS A 813 -3.77 -8.76 19.75
N SER A 814 -2.48 -9.06 19.81
CA SER A 814 -1.69 -9.06 21.03
C SER A 814 -2.04 -10.20 21.98
N GLN A 815 -2.61 -11.29 21.45
CA GLN A 815 -2.98 -12.44 22.27
C GLN A 815 -2.19 -13.66 21.83
N HIS A 816 -1.93 -14.54 22.78
CA HIS A 816 -1.40 -15.86 22.50
C HIS A 816 -2.52 -16.89 22.59
N THR A 817 -2.21 -18.12 22.19
CA THR A 817 -3.18 -19.20 22.14
C THR A 817 -2.65 -20.42 22.86
N MET A 818 -3.56 -21.16 23.47
CA MET A 818 -3.26 -22.42 24.14
C MET A 818 -4.47 -23.32 24.06
N LEU A 819 -4.21 -24.62 23.92
CA LEU A 819 -5.26 -25.63 23.79
C LEU A 819 -5.47 -26.29 25.15
N VAL A 820 -6.57 -25.96 25.81
CA VAL A 820 -6.84 -26.46 27.15
C VAL A 820 -8.04 -27.39 27.11
N LYS A 821 -8.17 -28.18 28.17
CA LYS A 821 -9.27 -29.12 28.34
C LYS A 821 -10.27 -28.55 29.32
N GLN A 822 -11.49 -28.31 28.81
CA GLN A 822 -12.58 -27.66 29.56
C GLN A 822 -13.83 -28.53 29.50
N GLY A 823 -14.00 -29.45 30.42
CA GLY A 823 -15.23 -30.26 30.50
C GLY A 823 -15.38 -31.27 29.38
N ASP A 824 -14.44 -32.20 29.22
CA ASP A 824 -14.55 -33.31 28.23
C ASP A 824 -14.11 -32.93 26.81
N ASP A 825 -14.01 -31.65 26.47
CA ASP A 825 -13.70 -31.20 25.09
C ASP A 825 -12.53 -30.24 25.13
N TYR A 826 -11.61 -30.27 24.17
CA TYR A 826 -10.48 -29.36 24.12
C TYR A 826 -10.85 -28.12 23.31
N VAL A 827 -10.40 -26.95 23.77
CA VAL A 827 -10.72 -25.68 23.12
C VAL A 827 -9.49 -24.77 23.16
N TYR A 828 -9.53 -23.75 22.31
CA TYR A 828 -8.49 -22.73 22.25
C TYR A 828 -8.92 -21.49 23.02
N LEU A 829 -8.05 -21.00 23.89
CA LEU A 829 -8.31 -19.80 24.67
C LEU A 829 -7.22 -18.76 24.40
N PRO A 830 -7.53 -17.47 24.51
CA PRO A 830 -6.50 -16.44 24.42
C PRO A 830 -5.97 -15.99 25.77
N TYR A 831 -4.72 -15.55 25.80
CA TYR A 831 -4.18 -14.93 27.00
C TYR A 831 -3.24 -13.79 26.65
N PRO A 832 -3.07 -12.83 27.57
CA PRO A 832 -2.19 -11.67 27.31
C PRO A 832 -0.76 -11.86 27.77
N ASP A 833 0.04 -10.82 27.58
CA ASP A 833 1.34 -10.70 28.23
C ASP A 833 1.15 -10.36 29.71
N PRO A 834 1.73 -11.12 30.64
CA PRO A 834 1.58 -10.76 32.06
C PRO A 834 2.09 -9.37 32.39
N SER A 835 3.11 -8.90 31.68
CA SER A 835 3.64 -7.57 31.92
C SER A 835 2.58 -6.50 31.68
N ARG A 836 1.78 -6.67 30.63
CA ARG A 836 0.72 -5.71 30.34
C ARG A 836 -0.30 -5.62 31.49
N ILE A 837 -0.68 -6.77 32.06
CA ILE A 837 -1.66 -6.78 33.15
C ILE A 837 -1.08 -6.15 34.41
N LEU A 838 0.14 -6.56 34.79
CA LEU A 838 0.74 -5.99 35.99
C LEU A 838 0.98 -4.50 35.84
N GLY A 839 1.44 -4.07 34.66
CA GLY A 839 1.62 -2.65 34.43
C GLY A 839 0.34 -1.86 34.53
N ALA A 840 -0.76 -2.40 33.99
CA ALA A 840 -2.04 -1.75 34.17
C ALA A 840 -2.38 -1.61 35.65
N GLY A 841 -1.98 -2.59 36.46
CA GLY A 841 -2.17 -2.46 37.90
C GLY A 841 -1.32 -1.37 38.54
N CYS A 842 -0.06 -1.25 38.13
CA CYS A 842 0.90 -0.41 38.85
C CYS A 842 0.92 1.05 38.44
N PHE A 843 0.63 1.40 37.19
CA PHE A 843 0.78 2.77 36.68
C PHE A 843 -0.52 3.21 36.03
N VAL A 844 -0.99 4.41 36.41
CA VAL A 844 -2.33 4.89 36.12
C VAL A 844 -2.34 6.42 36.16
N ASP A 845 -3.48 7.00 35.76
CA ASP A 845 -3.70 8.44 35.90
C ASP A 845 -4.51 8.71 37.16
N ASP A 846 -4.07 9.69 37.95
CA ASP A 846 -4.42 9.78 39.36
C ASP A 846 -5.92 9.69 39.61
N ILE A 847 -6.29 9.34 40.85
CA ILE A 847 -7.66 9.01 41.25
C ILE A 847 -7.99 7.63 40.68
N VAL A 848 -7.84 7.45 39.37
CA VAL A 848 -8.23 6.21 38.70
C VAL A 848 -7.56 5.04 39.39
N LYS A 849 -6.45 5.29 40.07
CA LYS A 849 -5.89 4.36 41.03
C LYS A 849 -5.18 5.09 42.15
N THR A 850 -4.34 4.38 42.89
CA THR A 850 -3.68 4.92 44.07
C THR A 850 -4.68 4.97 45.22
N ASP A 851 -5.93 4.61 44.94
CA ASP A 851 -6.94 4.32 45.98
C ASP A 851 -7.94 3.36 45.35
N GLY A 852 -7.73 2.06 45.62
CA GLY A 852 -8.55 1.05 44.96
C GLY A 852 -9.98 1.03 45.43
N THR A 853 -10.24 1.39 46.69
CA THR A 853 -11.58 1.30 47.22
C THR A 853 -12.55 2.23 46.48
N LEU A 854 -12.03 3.22 45.76
CA LEU A 854 -12.92 4.10 45.00
C LEU A 854 -13.38 3.45 43.70
N MET A 855 -12.57 2.57 43.11
CA MET A 855 -12.90 1.89 41.85
C MET A 855 -12.41 0.45 41.97
N ILE A 856 -13.26 -0.44 42.47
CA ILE A 856 -12.91 -1.85 42.53
C ILE A 856 -13.25 -2.58 41.23
N GLU A 857 -14.09 -2.00 40.37
CA GLU A 857 -14.44 -2.62 39.10
C GLU A 857 -13.27 -2.67 38.12
N ARG A 858 -12.30 -1.76 38.25
CA ARG A 858 -11.09 -1.84 37.43
C ARG A 858 -10.41 -3.19 37.60
N PHE A 859 -10.28 -3.63 38.85
CA PHE A 859 -9.56 -4.88 39.11
C PHE A 859 -10.37 -6.10 38.73
N VAL A 860 -11.70 -6.00 38.79
CA VAL A 860 -12.55 -7.10 38.31
C VAL A 860 -12.38 -7.26 36.80
N SER A 861 -12.33 -6.14 36.08
CA SER A 861 -12.08 -6.21 34.63
C SER A 861 -10.68 -6.76 34.32
N LEU A 862 -9.67 -6.30 35.05
CA LEU A 862 -8.32 -6.80 34.81
C LEU A 862 -8.22 -8.30 35.12
N ALA A 863 -8.93 -8.77 36.14
CA ALA A 863 -8.98 -10.20 36.43
C ALA A 863 -9.70 -10.99 35.34
N ILE A 864 -10.76 -10.43 34.73
CA ILE A 864 -11.37 -11.10 33.60
C ILE A 864 -10.36 -11.26 32.47
N ASP A 865 -9.57 -10.22 32.21
CA ASP A 865 -8.53 -10.33 31.19
C ASP A 865 -7.49 -11.39 31.55
N ALA A 866 -7.12 -11.49 32.83
CA ALA A 866 -6.03 -12.36 33.26
C ALA A 866 -6.45 -13.79 33.56
N TYR A 867 -7.74 -14.12 33.58
CA TYR A 867 -8.15 -15.44 34.02
C TYR A 867 -7.45 -16.58 33.29
N PRO A 868 -7.33 -16.60 31.96
CA PRO A 868 -6.82 -17.81 31.28
C PRO A 868 -5.37 -18.15 31.59
N LEU A 869 -4.64 -17.29 32.31
CA LEU A 869 -3.26 -17.59 32.68
C LEU A 869 -3.16 -18.71 33.71
N THR A 870 -4.24 -19.07 34.39
CA THR A 870 -4.22 -20.19 35.32
C THR A 870 -3.98 -21.53 34.64
N LYS A 871 -4.13 -21.60 33.33
CA LYS A 871 -3.95 -22.83 32.58
C LYS A 871 -2.55 -23.00 32.02
N HIS A 872 -1.66 -22.04 32.26
CA HIS A 872 -0.33 -22.05 31.68
C HIS A 872 0.58 -23.00 32.46
N PRO A 873 1.49 -23.71 31.78
CA PRO A 873 2.44 -24.56 32.51
C PRO A 873 3.39 -23.81 33.43
N ASN A 874 3.74 -22.57 33.11
CA ASN A 874 4.62 -21.79 33.97
C ASN A 874 3.87 -21.28 35.19
N GLN A 875 4.48 -21.43 36.37
CA GLN A 875 3.81 -21.12 37.63
C GLN A 875 3.78 -19.63 37.95
N GLU A 876 4.74 -18.85 37.44
CA GLU A 876 4.69 -17.41 37.67
C GLU A 876 3.51 -16.76 36.96
N TYR A 877 2.89 -17.46 36.01
CA TYR A 877 1.80 -16.88 35.23
C TYR A 877 0.46 -16.98 35.95
N ALA A 878 0.21 -18.10 36.65
CA ALA A 878 -1.07 -18.28 37.34
C ALA A 878 -1.16 -17.43 38.60
N ASP A 879 0.00 -17.12 39.19
CA ASP A 879 0.04 -16.26 40.34
C ASP A 879 -0.55 -14.88 40.04
N VAL A 880 -0.57 -14.47 38.79
CA VAL A 880 -1.13 -13.16 38.44
C VAL A 880 -2.63 -13.12 38.72
N PHE A 881 -3.36 -14.14 38.26
CA PHE A 881 -4.79 -14.22 38.53
C PHE A 881 -5.05 -14.35 40.03
N HIS A 882 -4.26 -15.16 40.73
CA HIS A 882 -4.53 -15.32 42.16
C HIS A 882 -4.19 -14.04 42.94
N LEU A 883 -3.16 -13.30 42.52
CA LEU A 883 -2.85 -12.02 43.13
C LEU A 883 -3.99 -11.04 42.96
N TYR A 884 -4.59 -11.00 41.77
CA TYR A 884 -5.73 -10.10 41.58
C TYR A 884 -6.92 -10.49 42.46
N LEU A 885 -7.20 -11.79 42.59
CA LEU A 885 -8.31 -12.18 43.45
C LEU A 885 -8.07 -11.76 44.90
N GLN A 886 -6.85 -11.99 45.41
CA GLN A 886 -6.57 -11.65 46.80
C GLN A 886 -6.62 -10.15 47.03
N TYR A 887 -6.16 -9.36 46.06
CA TYR A 887 -6.22 -7.91 46.23
C TYR A 887 -7.67 -7.42 46.18
N ILE A 888 -8.52 -8.04 45.37
CA ILE A 888 -9.93 -7.68 45.37
C ILE A 888 -10.57 -7.94 46.74
N ARG A 889 -10.27 -9.11 47.31
CA ARG A 889 -10.80 -9.41 48.64
C ARG A 889 -10.30 -8.40 49.68
N LYS A 890 -9.03 -8.05 49.61
CA LYS A 890 -8.46 -7.09 50.54
C LYS A 890 -9.14 -5.73 50.42
N LEU A 891 -9.38 -5.27 49.19
CA LEU A 891 -10.04 -3.97 49.00
C LEU A 891 -11.46 -3.99 49.55
N HIS A 892 -12.20 -5.07 49.34
CA HIS A 892 -13.55 -5.14 49.88
C HIS A 892 -13.55 -5.11 51.41
N ASP A 893 -12.65 -5.88 52.02
CA ASP A 893 -12.56 -5.86 53.49
C ASP A 893 -12.22 -4.47 53.99
N GLU A 894 -11.26 -3.81 53.35
CA GLU A 894 -10.83 -2.49 53.79
C GLU A 894 -11.95 -1.48 53.64
N LEU A 895 -12.74 -1.57 52.57
CA LEU A 895 -13.84 -0.64 52.37
C LEU A 895 -14.94 -0.83 53.41
N THR A 896 -15.31 -2.09 53.70
CA THR A 896 -16.34 -2.28 54.70
C THR A 896 -15.84 -1.95 56.09
N GLY A 897 -14.51 -2.02 56.30
CA GLY A 897 -13.96 -1.59 57.58
C GLY A 897 -14.08 -0.10 57.86
N HIS A 898 -13.83 0.73 56.84
CA HIS A 898 -13.90 2.18 57.03
C HIS A 898 -15.30 2.63 57.40
N MET A 899 -16.31 2.08 56.73
CA MET A 899 -17.67 2.59 56.92
C MET A 899 -18.15 2.39 58.35
N LEU A 900 -17.64 1.36 59.03
CA LEU A 900 -18.08 1.05 60.38
C LEU A 900 -17.30 1.79 61.46
N ASP A 901 -16.04 2.12 61.22
CA ASP A 901 -15.25 2.79 62.23
C ASP A 901 -15.66 4.26 62.38
N MET A 902 -15.50 5.04 61.31
CA MET A 902 -15.70 6.48 61.43
C MET A 902 -17.17 6.86 61.31
N TYR A 903 -17.88 6.26 60.37
CA TYR A 903 -19.33 6.27 60.39
C TYR A 903 -19.79 4.97 61.04
N SER A 904 -21.07 4.86 61.38
CA SER A 904 -21.59 3.65 62.02
C SER A 904 -22.37 2.80 61.04
N VAL A 905 -22.19 3.01 59.74
CA VAL A 905 -22.92 2.25 58.74
C VAL A 905 -22.31 0.86 58.63
N MET A 906 -23.17 -0.16 58.67
CA MET A 906 -22.75 -1.54 58.62
C MET A 906 -23.14 -2.14 57.27
N LEU A 907 -22.14 -2.51 56.49
CA LEU A 907 -22.37 -3.07 55.15
C LEU A 907 -22.53 -4.58 55.24
N THR A 908 -23.21 -5.13 54.24
CA THR A 908 -23.45 -6.56 54.13
C THR A 908 -22.65 -7.13 52.96
N ASN A 909 -22.30 -8.42 53.09
CA ASN A 909 -21.47 -9.12 52.12
C ASN A 909 -22.33 -9.95 51.17
N ASP A 910 -23.52 -9.46 50.85
CA ASP A 910 -24.44 -10.22 50.01
C ASP A 910 -24.00 -10.16 48.55
N ASN A 911 -23.92 -11.35 47.93
CA ASN A 911 -23.50 -11.52 46.55
C ASN A 911 -22.34 -10.60 46.16
N THR A 912 -21.31 -10.54 47.01
CA THR A 912 -20.04 -9.90 46.66
C THR A 912 -18.88 -10.86 46.69
N SER A 913 -18.95 -11.90 47.52
CA SER A 913 -17.94 -12.94 47.55
C SER A 913 -17.67 -13.52 46.18
N ARG A 914 -18.67 -13.52 45.28
CA ARG A 914 -18.49 -14.04 43.94
C ARG A 914 -17.32 -13.39 43.21
N TYR A 915 -16.84 -12.25 43.67
CA TYR A 915 -15.77 -11.57 42.95
C TYR A 915 -14.38 -12.03 43.36
N TRP A 916 -14.22 -12.80 44.44
CA TRP A 916 -12.92 -13.37 44.76
C TRP A 916 -12.99 -14.89 44.79
N GLU A 917 -13.84 -15.46 43.95
CA GLU A 917 -13.89 -16.89 43.68
C GLU A 917 -13.88 -17.10 42.18
N PRO A 918 -13.23 -18.17 41.70
CA PRO A 918 -12.95 -18.29 40.27
C PRO A 918 -14.14 -18.65 39.39
N GLU A 919 -15.30 -18.99 39.95
CA GLU A 919 -16.41 -19.45 39.14
C GLU A 919 -17.03 -18.33 38.32
N PHE A 920 -17.05 -17.10 38.85
CA PHE A 920 -17.51 -15.95 38.09
C PHE A 920 -16.68 -15.75 36.82
N TYR A 921 -15.37 -15.97 36.90
CA TYR A 921 -14.47 -15.68 35.81
C TYR A 921 -14.33 -16.84 34.83
N GLU A 922 -14.61 -18.07 35.25
CA GLU A 922 -14.54 -19.20 34.33
C GLU A 922 -15.68 -19.18 33.33
N ALA A 923 -16.83 -18.64 33.71
CA ALA A 923 -18.01 -18.65 32.88
C ALA A 923 -17.93 -17.64 31.73
N MET A 924 -16.94 -16.77 31.71
CA MET A 924 -16.76 -15.83 30.61
C MET A 924 -16.15 -16.49 29.39
N TYR A 925 -15.59 -17.70 29.51
CA TYR A 925 -14.92 -18.38 28.42
C TYR A 925 -15.59 -19.70 28.05
N THR A 926 -16.83 -19.90 28.49
CA THR A 926 -17.55 -21.13 28.21
C THR A 926 -18.64 -20.88 27.18
N PRO A 927 -18.91 -21.84 26.28
CA PRO A 927 -19.78 -21.55 25.14
C PRO A 927 -21.27 -21.39 25.47
N HIS A 928 -21.63 -20.34 26.21
CA HIS A 928 -23.04 -19.96 26.26
C HIS A 928 -23.19 -18.52 26.73
N THR A 929 -23.53 -17.61 25.83
CA THR A 929 -23.52 -16.20 26.17
C THR A 929 -24.50 -15.90 27.28
N VAL A 930 -24.12 -14.95 28.13
CA VAL A 930 -25.01 -14.39 29.13
C VAL A 930 -25.01 -12.87 28.96
N LEU A 931 -26.14 -12.25 29.27
CA LEU A 931 -26.32 -10.82 29.03
C LEU A 931 -26.26 -10.50 27.55
N ASN B 1 9.80 -15.27 -26.61
CA ASN B 1 8.71 -15.80 -27.44
C ASN B 1 7.37 -15.24 -26.98
N ASN B 2 6.75 -14.43 -27.82
CA ASN B 2 5.46 -13.80 -27.51
C ASN B 2 4.71 -13.61 -28.84
N GLU B 3 3.64 -14.37 -29.04
CA GLU B 3 3.00 -14.51 -30.32
C GLU B 3 1.69 -13.73 -30.40
N LEU B 4 1.29 -13.39 -31.62
CA LEU B 4 0.05 -12.66 -31.84
C LEU B 4 -1.16 -13.56 -31.60
N SER B 5 -1.29 -14.64 -32.36
CA SER B 5 -2.45 -15.52 -32.28
C SER B 5 -1.99 -16.98 -32.20
N PRO B 6 -1.64 -17.48 -31.03
CA PRO B 6 -1.22 -18.89 -30.91
C PRO B 6 -2.28 -19.90 -31.31
N VAL B 7 -3.56 -19.53 -31.28
CA VAL B 7 -4.63 -20.37 -31.82
C VAL B 7 -5.68 -19.44 -32.43
ZN ZN C . -11.10 8.04 -17.72
ZN ZN D . -26.02 6.26 -2.16
P AMP E . 11.35 -15.39 -26.97
O1P AMP E . 11.76 -13.97 -27.14
O2P AMP E . 11.35 -16.21 -28.19
O5' AMP E . 12.47 -16.04 -26.06
C5' AMP E . 12.96 -17.35 -26.34
C4' AMP E . 13.61 -17.97 -25.13
O4' AMP E . 12.66 -18.07 -24.05
C3' AMP E . 14.10 -19.39 -25.31
O3' AMP E . 15.35 -19.48 -25.99
C2' AMP E . 14.14 -19.91 -23.89
O2' AMP E . 15.32 -19.49 -23.22
C1' AMP E . 12.94 -19.21 -23.27
N9 AMP E . 11.75 -20.08 -23.18
C8 AMP E . 11.20 -20.56 -22.02
N7 AMP E . 10.16 -21.32 -22.18
C5 AMP E . 10.00 -21.35 -23.55
C6 AMP E . 9.05 -22.00 -24.36
N6 AMP E . 8.06 -22.75 -23.88
N1 AMP E . 9.15 -21.85 -25.69
C2 AMP E . 10.14 -21.09 -26.17
N3 AMP E . 11.09 -20.43 -25.51
C4 AMP E . 10.97 -20.60 -24.19
H5'1 AMP E . 13.62 -17.29 -27.05
H5'2 AMP E . 12.24 -17.91 -26.63
H4' AMP E . 14.36 -17.41 -24.85
H3' AMP E . 13.44 -19.88 -25.83
H2' AMP E . 14.04 -20.88 -23.85
HO2' AMP E . 15.98 -19.92 -23.52
H1' AMP E . 13.18 -18.92 -22.37
H8 AMP E . 11.56 -20.36 -21.19
HN61 AMP E . 7.38 -22.93 -24.37
HN62 AMP E . 8.11 -23.06 -23.08
H2 AMP E . 10.16 -21.01 -27.09
#